data_7UFN
#
_entry.id   7UFN
#
_cell.length_a   36.694
_cell.length_b   124.033
_cell.length_c   103.635
_cell.angle_alpha   90.000
_cell.angle_beta   90.130
_cell.angle_gamma   90.000
#
_symmetry.space_group_name_H-M   'P 1 21 1'
#
loop_
_entity.id
_entity.type
_entity.pdbx_description
1 polymer 'P3-21 Fab Heavy chain'
2 polymer 'P3-21 Fab Light chain'
3 polymer 'PfCSP peptide 21'
4 non-polymer 'SULFATE ION'
5 water water
#
loop_
_entity_poly.entity_id
_entity_poly.type
_entity_poly.pdbx_seq_one_letter_code
_entity_poly.pdbx_strand_id
1 'polypeptide(L)'
;QVQLVQSGAEVKKPGASVKVSCKASGYTFTSYAIHWVRQAPGQRLEWMGWIKAGNGNTRYSQKFQDRVTITRDTSASTAY
MELSSLRSEDTAVYYCALLTVIRQDDTFDIWGQGTMVTVSSASTKGPSVFPLAPSSKSTSGGTAALGCLVKDYFPEPVTV
SWNSGALTSGVHTFPAVLQSSGLYSLSSVVTVPSSSLGTQTYICNVNHKPSNTKVDKKVEPKSCDK
;
B,A
2 'polypeptide(L)'
;DIVMTQSPDSLAVSLGERATINCKSSQNILYSSNNKNYLAWYQQKPGQAPKLLIYWASTRESGVPDRFSGSGSGTDFTLT
ISSLQAEDVAVYYCHQYYSSPLTFGGGTKVEIKRTVAAPSVFIFPPSDEQLKSGTASVVCLLNNFYPREAKVQWKVDNAL
QSGNSQESVTEQDSKDSTYSLSSTLTLSKADYEKHKVYACEVTHQGLSSPVTKSFNRGEC
;
C,D
3 'polypeptide(L)' NPDPNANPNVDPNAN E,F
#
# COMPACT_ATOMS: atom_id res chain seq x y z
N GLN A 1 12.14 2.05 -23.81
CA GLN A 1 13.06 2.56 -22.80
C GLN A 1 12.39 3.07 -21.51
N VAL A 2 11.07 3.24 -21.45
CA VAL A 2 10.40 3.18 -20.15
C VAL A 2 10.38 1.73 -19.74
N GLN A 3 10.98 1.41 -18.60
CA GLN A 3 11.09 0.01 -18.18
C GLN A 3 10.58 -0.16 -16.76
N LEU A 4 9.89 -1.28 -16.52
CA LEU A 4 9.56 -1.73 -15.18
C LEU A 4 10.22 -3.08 -14.99
N VAL A 5 10.99 -3.22 -13.91
CA VAL A 5 11.89 -4.36 -13.70
C VAL A 5 11.63 -4.93 -12.32
N GLN A 6 11.12 -6.16 -12.26
CA GLN A 6 10.68 -6.80 -11.02
C GLN A 6 11.78 -7.68 -10.42
N SER A 7 11.64 -7.96 -9.12
CA SER A 7 12.56 -8.83 -8.41
C SER A 7 12.35 -10.30 -8.82
N GLY A 8 13.39 -11.10 -8.60
CA GLY A 8 13.39 -12.46 -9.09
C GLY A 8 12.42 -13.38 -8.38
N ALA A 9 12.17 -14.54 -9.00
CA ALA A 9 11.25 -15.55 -8.50
C ALA A 9 11.59 -15.95 -7.06
N GLU A 10 10.55 -16.32 -6.31
CA GLU A 10 10.62 -16.68 -4.90
C GLU A 10 9.71 -17.87 -4.59
N VAL A 11 10.10 -18.66 -3.58
CA VAL A 11 9.25 -19.70 -3.00
C VAL A 11 9.04 -19.36 -1.53
N LYS A 12 7.79 -19.30 -1.11
CA LYS A 12 7.41 -18.97 0.27
C LYS A 12 6.43 -20.00 0.80
N LYS A 13 6.52 -20.27 2.09
CA LYS A 13 5.77 -21.32 2.77
C LYS A 13 4.32 -20.87 3.02
N PRO A 14 3.38 -21.81 3.05
CA PRO A 14 2.00 -21.42 3.35
C PRO A 14 1.92 -20.64 4.65
N GLY A 15 1.12 -19.59 4.66
CA GLY A 15 1.00 -18.70 5.79
C GLY A 15 2.06 -17.64 5.89
N ALA A 16 3.13 -17.74 5.10
CA ALA A 16 4.21 -16.76 5.15
C ALA A 16 3.76 -15.51 4.41
N SER A 17 4.72 -14.62 4.11
CA SER A 17 4.47 -13.41 3.34
C SER A 17 5.51 -13.30 2.23
N VAL A 18 5.15 -12.63 1.14
CA VAL A 18 6.05 -12.41 0.01
C VAL A 18 6.04 -10.93 -0.35
N LYS A 19 7.21 -10.39 -0.69
CA LYS A 19 7.33 -9.00 -1.09
C LYS A 19 8.06 -8.95 -2.43
N VAL A 20 7.44 -8.29 -3.41
CA VAL A 20 7.92 -8.24 -4.78
C VAL A 20 8.16 -6.77 -5.13
N SER A 21 9.36 -6.46 -5.58
CA SER A 21 9.72 -5.10 -5.95
C SER A 21 9.52 -4.88 -7.45
N CYS A 22 9.33 -3.61 -7.81
CA CYS A 22 9.04 -3.22 -9.20
C CYS A 22 9.76 -1.90 -9.46
N LYS A 23 10.96 -1.98 -10.01
CA LYS A 23 11.78 -0.81 -10.30
C LYS A 23 11.29 -0.15 -11.58
N ALA A 24 10.96 1.15 -11.52
CA ALA A 24 10.35 1.81 -12.68
C ALA A 24 11.23 2.97 -13.14
N SER A 25 11.82 2.82 -14.34
CA SER A 25 12.82 3.72 -14.90
C SER A 25 12.36 4.33 -16.23
N GLY A 26 12.95 5.48 -16.55
CA GLY A 26 12.77 6.13 -17.83
C GLY A 26 11.76 7.26 -17.86
N TYR A 27 11.01 7.46 -16.77
CA TYR A 27 9.98 8.50 -16.73
C TYR A 27 9.90 9.02 -15.31
N THR A 28 9.23 10.17 -15.17
CA THR A 28 8.96 10.81 -13.89
C THR A 28 8.17 9.87 -12.97
N PHE A 29 8.85 9.33 -11.95
CA PHE A 29 8.30 8.21 -11.18
C PHE A 29 7.01 8.61 -10.45
N THR A 30 6.95 9.83 -9.91
CA THR A 30 5.78 10.24 -9.13
C THR A 30 4.55 10.59 -9.99
N SER A 31 4.62 10.52 -11.32
CA SER A 31 3.53 11.00 -12.18
C SER A 31 2.37 10.02 -12.33
N TYR A 32 2.63 8.71 -12.27
CA TYR A 32 1.61 7.75 -12.66
C TYR A 32 1.33 6.77 -11.51
N ALA A 33 0.30 5.94 -11.70
CA ALA A 33 -0.11 4.92 -10.75
C ALA A 33 0.39 3.56 -11.20
N ILE A 34 1.02 2.83 -10.30
CA ILE A 34 1.53 1.49 -10.60
C ILE A 34 0.53 0.49 -10.05
N HIS A 35 0.06 -0.43 -10.90
CA HIS A 35 -0.89 -1.44 -10.49
C HIS A 35 -0.19 -2.77 -10.29
N TRP A 36 -0.85 -3.65 -9.57
CA TRP A 36 -0.33 -5.00 -9.41
C TRP A 36 -1.39 -5.95 -9.92
N VAL A 37 -1.03 -6.78 -10.88
CA VAL A 37 -1.94 -7.72 -11.50
C VAL A 37 -1.27 -9.08 -11.44
N ARG A 38 -2.01 -10.09 -11.00
CA ARG A 38 -1.49 -11.45 -10.97
C ARG A 38 -2.25 -12.34 -11.95
N GLN A 39 -1.71 -13.53 -12.15
CA GLN A 39 -2.23 -14.50 -13.11
C GLN A 39 -1.80 -15.88 -12.65
N ALA A 40 -2.78 -16.68 -12.23
CA ALA A 40 -2.55 -18.04 -11.75
C ALA A 40 -2.30 -18.96 -12.94
N PRO A 41 -1.76 -20.18 -12.69
CA PRO A 41 -1.58 -21.15 -13.78
C PRO A 41 -2.85 -21.40 -14.58
N GLY A 42 -2.78 -21.15 -15.89
CA GLY A 42 -3.90 -21.35 -16.79
C GLY A 42 -5.12 -20.48 -16.56
N GLN A 43 -4.98 -19.43 -15.76
CA GLN A 43 -6.11 -18.61 -15.31
C GLN A 43 -5.94 -17.16 -15.78
N ARG A 44 -6.90 -16.31 -15.43
CA ARG A 44 -7.03 -15.03 -16.10
C ARG A 44 -6.17 -13.96 -15.41
N LEU A 45 -6.16 -12.76 -15.98
CA LEU A 45 -5.54 -11.61 -15.34
C LEU A 45 -6.43 -11.09 -14.22
N GLU A 46 -5.86 -10.92 -13.02
CA GLU A 46 -6.59 -10.55 -11.81
C GLU A 46 -5.96 -9.31 -11.19
N TRP A 47 -6.63 -8.15 -11.31
CA TRP A 47 -6.15 -6.91 -10.71
C TRP A 47 -6.18 -7.00 -9.17
N MET A 48 -5.09 -6.56 -8.53
CA MET A 48 -4.98 -6.59 -7.06
C MET A 48 -5.10 -5.23 -6.40
N GLY A 49 -4.58 -4.18 -7.03
CA GLY A 49 -4.57 -2.85 -6.44
C GLY A 49 -3.64 -1.95 -7.24
N TRP A 50 -3.71 -0.65 -6.94
CA TRP A 50 -2.77 0.33 -7.48
C TRP A 50 -2.18 1.18 -6.36
N ILE A 51 -1.11 1.90 -6.69
CA ILE A 51 -0.59 2.94 -5.80
C ILE A 51 -0.24 4.18 -6.63
N LYS A 52 -0.69 5.33 -6.17
CA LYS A 52 -0.24 6.59 -6.74
C LYS A 52 1.20 6.83 -6.28
N ALA A 53 2.13 6.82 -7.24
CA ALA A 53 3.55 6.83 -6.90
C ALA A 53 4.00 8.14 -6.27
N GLY A 54 3.28 9.23 -6.49
CA GLY A 54 3.60 10.47 -5.81
C GLY A 54 2.97 10.53 -4.42
N ASN A 55 1.63 10.42 -4.39
CA ASN A 55 0.82 10.41 -3.17
C ASN A 55 1.25 9.36 -2.16
N GLY A 56 1.60 8.18 -2.64
CA GLY A 56 1.64 7.02 -1.77
C GLY A 56 0.30 6.35 -1.51
N ASN A 57 -0.81 6.95 -1.93
CA ASN A 57 -2.16 6.45 -1.66
C ASN A 57 -2.51 5.27 -2.55
N THR A 58 -3.40 4.42 -2.05
CA THR A 58 -3.64 3.10 -2.61
C THR A 58 -5.13 2.82 -2.70
N ARG A 59 -5.47 1.90 -3.60
CA ARG A 59 -6.72 1.15 -3.60
C ARG A 59 -6.37 -0.32 -3.79
N TYR A 60 -6.98 -1.18 -2.98
CA TYR A 60 -6.84 -2.63 -3.08
C TYR A 60 -8.17 -3.23 -3.52
N SER A 61 -8.11 -4.24 -4.39
CA SER A 61 -9.26 -5.10 -4.59
C SER A 61 -9.82 -5.57 -3.24
N GLN A 62 -11.15 -5.68 -3.16
CA GLN A 62 -11.79 -6.19 -1.94
C GLN A 62 -11.22 -7.56 -1.58
N LYS A 63 -11.08 -8.44 -2.56
CA LYS A 63 -10.58 -9.79 -2.31
C LYS A 63 -9.27 -9.78 -1.52
N PHE A 64 -8.42 -8.77 -1.74
CA PHE A 64 -7.07 -8.75 -1.16
C PHE A 64 -6.88 -7.71 -0.07
N GLN A 65 -7.91 -6.90 0.24
CA GLN A 65 -7.70 -5.67 0.99
C GLN A 65 -7.26 -5.89 2.44
N ASP A 66 -7.45 -7.07 3.01
CA ASP A 66 -6.89 -7.31 4.33
C ASP A 66 -5.59 -8.12 4.29
N ARG A 67 -5.09 -8.47 3.10
CA ARG A 67 -3.89 -9.27 2.96
C ARG A 67 -2.73 -8.59 2.21
N VAL A 68 -2.98 -7.52 1.46
CA VAL A 68 -2.00 -6.97 0.51
C VAL A 68 -1.58 -5.58 0.98
N THR A 69 -0.31 -5.25 0.77
CA THR A 69 0.23 -3.96 1.16
C THR A 69 1.11 -3.48 0.01
N ILE A 70 0.76 -2.35 -0.57
CA ILE A 70 1.50 -1.79 -1.68
C ILE A 70 2.18 -0.52 -1.20
N THR A 71 3.48 -0.43 -1.41
CA THR A 71 4.22 0.73 -0.98
C THR A 71 5.01 1.29 -2.15
N ARG A 72 5.62 2.45 -1.93
CA ARG A 72 6.54 3.00 -2.92
C ARG A 72 7.65 3.77 -2.21
N ASP A 73 8.78 3.82 -2.89
CA ASP A 73 9.96 4.56 -2.45
C ASP A 73 10.37 5.41 -3.65
N THR A 74 10.13 6.71 -3.57
CA THR A 74 10.34 7.61 -4.70
C THR A 74 11.83 7.77 -5.00
N SER A 75 12.66 7.96 -3.98
CA SER A 75 14.10 8.06 -4.19
C SER A 75 14.68 6.84 -4.92
N ALA A 76 14.12 5.64 -4.71
CA ALA A 76 14.59 4.43 -5.39
C ALA A 76 13.76 4.09 -6.61
N SER A 77 12.92 5.02 -7.08
CA SER A 77 11.97 4.79 -8.18
C SER A 77 11.37 3.39 -8.17
N THR A 78 10.92 2.93 -6.98
CA THR A 78 10.47 1.55 -6.81
C THR A 78 9.12 1.45 -6.11
N ALA A 79 8.21 0.65 -6.69
CA ALA A 79 6.99 0.18 -6.02
C ALA A 79 7.21 -1.22 -5.45
N TYR A 80 6.46 -1.55 -4.38
CA TYR A 80 6.50 -2.89 -3.80
C TYR A 80 5.09 -3.39 -3.54
N MET A 81 4.92 -4.71 -3.67
CA MET A 81 3.71 -5.42 -3.29
C MET A 81 4.08 -6.47 -2.26
N GLU A 82 3.35 -6.51 -1.15
CA GLU A 82 3.51 -7.56 -0.15
C GLU A 82 2.18 -8.30 0.04
N LEU A 83 2.27 -9.63 0.11
CA LEU A 83 1.10 -10.50 0.24
C LEU A 83 1.31 -11.42 1.43
N SER A 84 0.46 -11.29 2.43
CA SER A 84 0.59 -12.07 3.66
C SER A 84 -0.33 -13.29 3.62
N SER A 85 -0.16 -14.14 4.64
CA SER A 85 -1.01 -15.33 4.84
C SER A 85 -1.23 -16.08 3.54
N LEU A 86 -0.10 -16.42 2.90
CA LEU A 86 -0.11 -17.09 1.60
C LEU A 86 -0.76 -18.46 1.70
N ARG A 87 -1.47 -18.84 0.63
CA ARG A 87 -2.01 -20.18 0.41
C ARG A 87 -1.54 -20.64 -0.97
N SER A 88 -1.62 -21.95 -1.22
CA SER A 88 -1.14 -22.50 -2.49
C SER A 88 -1.90 -21.91 -3.68
N GLU A 89 -3.14 -21.47 -3.47
CA GLU A 89 -3.90 -20.77 -4.51
C GLU A 89 -3.23 -19.47 -4.93
N ASP A 90 -2.29 -18.95 -4.14
CA ASP A 90 -1.60 -17.71 -4.50
C ASP A 90 -0.40 -17.99 -5.39
N THR A 91 -0.12 -19.26 -5.68
CA THR A 91 0.93 -19.57 -6.63
C THR A 91 0.55 -18.95 -7.97
N ALA A 92 1.42 -18.08 -8.49
CA ALA A 92 1.04 -17.26 -9.63
C ALA A 92 2.24 -16.43 -10.09
N VAL A 93 2.08 -15.83 -11.26
CA VAL A 93 2.95 -14.75 -11.72
C VAL A 93 2.29 -13.42 -11.33
N TYR A 94 3.07 -12.57 -10.67
CA TYR A 94 2.64 -11.24 -10.23
C TYR A 94 3.29 -10.20 -11.14
N TYR A 95 2.50 -9.28 -11.68
CA TYR A 95 3.02 -8.19 -12.50
C TYR A 95 2.75 -6.84 -11.85
N CYS A 96 3.69 -5.92 -12.00
CA CYS A 96 3.37 -4.51 -11.93
C CYS A 96 3.11 -3.98 -13.33
N ALA A 97 2.23 -2.96 -13.42
CA ALA A 97 1.94 -2.31 -14.69
C ALA A 97 1.51 -0.87 -14.48
N LEU A 98 2.11 0.03 -15.26
CA LEU A 98 1.48 1.28 -15.66
C LEU A 98 0.31 0.94 -16.60
N LEU A 99 -0.85 0.63 -16.03
CA LEU A 99 -2.03 0.29 -16.83
C LEU A 99 -2.62 1.53 -17.50
N THR A 100 -2.95 1.39 -18.79
CA THR A 100 -3.62 2.40 -19.61
C THR A 100 -3.40 3.85 -19.14
N VAL A 101 -2.19 4.35 -19.34
CA VAL A 101 -1.92 5.77 -19.11
C VAL A 101 -2.47 6.51 -20.32
N ILE A 102 -3.73 6.94 -20.22
CA ILE A 102 -4.46 7.56 -21.33
C ILE A 102 -4.34 9.08 -21.17
N ARG A 103 -3.70 9.72 -22.16
CA ARG A 103 -3.64 11.17 -22.22
C ARG A 103 -3.64 11.60 -23.67
N GLN A 104 -4.09 12.84 -23.89
CA GLN A 104 -3.90 13.49 -25.19
C GLN A 104 -2.41 13.54 -25.55
N ASP A 105 -1.54 13.70 -24.56
CA ASP A 105 -0.09 13.60 -24.77
C ASP A 105 0.33 12.13 -24.61
N ASP A 106 -0.02 11.35 -25.63
CA ASP A 106 0.36 9.95 -25.77
C ASP A 106 -0.34 9.06 -24.73
N THR A 107 -0.97 8.01 -25.23
CA THR A 107 -1.52 6.95 -24.42
C THR A 107 -0.54 5.78 -24.43
N PHE A 108 -0.10 5.34 -23.25
CA PHE A 108 0.86 4.25 -23.17
C PHE A 108 0.49 3.29 -22.02
N ASP A 109 1.11 2.12 -22.07
CA ASP A 109 0.77 0.99 -21.23
C ASP A 109 2.05 0.17 -21.12
N ILE A 110 2.55 -0.06 -19.90
CA ILE A 110 3.88 -0.64 -19.71
C ILE A 110 3.84 -1.61 -18.53
N TRP A 111 4.23 -2.86 -18.76
CA TRP A 111 4.19 -3.93 -17.75
C TRP A 111 5.60 -4.34 -17.35
N GLY A 112 5.74 -4.79 -16.10
CA GLY A 112 6.94 -5.50 -15.72
C GLY A 112 7.02 -6.85 -16.41
N GLN A 113 8.16 -7.52 -16.21
CA GLN A 113 8.35 -8.85 -16.77
C GLN A 113 7.65 -9.94 -15.98
N GLY A 114 7.20 -9.65 -14.76
CA GLY A 114 6.45 -10.58 -13.93
C GLY A 114 7.33 -11.43 -13.04
N THR A 115 6.77 -11.82 -11.90
CA THR A 115 7.49 -12.54 -10.86
C THR A 115 6.71 -13.79 -10.44
N MET A 116 7.35 -14.95 -10.55
CA MET A 116 6.77 -16.22 -10.15
C MET A 116 6.92 -16.41 -8.63
N VAL A 117 5.77 -16.54 -7.95
CA VAL A 117 5.73 -16.85 -6.53
C VAL A 117 5.08 -18.21 -6.36
N THR A 118 5.82 -19.16 -5.80
CA THR A 118 5.32 -20.50 -5.51
C THR A 118 5.10 -20.62 -4.02
N VAL A 119 3.88 -20.93 -3.62
CA VAL A 119 3.56 -21.17 -2.21
C VAL A 119 3.70 -22.67 -1.97
N SER A 120 4.72 -23.06 -1.19
CA SER A 120 5.14 -24.46 -1.02
C SER A 120 6.07 -24.57 0.17
N SER A 121 5.94 -25.69 0.91
CA SER A 121 6.83 -26.01 2.02
C SER A 121 8.14 -26.61 1.53
N ALA A 122 8.15 -27.13 0.29
CA ALA A 122 9.30 -27.78 -0.30
C ALA A 122 10.48 -26.81 -0.44
N SER A 123 11.69 -27.37 -0.47
CA SER A 123 12.93 -26.63 -0.38
C SER A 123 13.37 -26.11 -1.76
N THR A 124 14.36 -25.25 -1.75
CA THR A 124 14.91 -24.71 -2.97
C THR A 124 16.03 -25.61 -3.46
N LYS A 125 16.05 -25.87 -4.76
CA LYS A 125 17.05 -26.77 -5.31
C LYS A 125 17.50 -26.28 -6.67
N GLY A 126 18.82 -26.30 -6.89
CA GLY A 126 19.38 -25.94 -8.16
C GLY A 126 19.41 -27.12 -9.11
N PRO A 127 19.30 -26.86 -10.41
CA PRO A 127 19.24 -27.95 -11.39
C PRO A 127 20.62 -28.52 -11.71
N SER A 128 20.63 -29.72 -12.28
CA SER A 128 21.78 -30.27 -12.99
C SER A 128 21.56 -30.14 -14.48
N VAL A 129 22.60 -29.77 -15.22
CA VAL A 129 22.51 -29.65 -16.67
C VAL A 129 23.32 -30.78 -17.31
N PHE A 130 22.67 -31.54 -18.17
CA PHE A 130 23.37 -32.59 -18.88
C PHE A 130 23.27 -32.35 -20.37
N PRO A 131 24.30 -32.72 -21.14
CA PRO A 131 24.22 -32.50 -22.58
C PRO A 131 23.19 -33.43 -23.20
N LEU A 132 22.55 -32.93 -24.24
CA LEU A 132 21.78 -33.75 -25.18
C LEU A 132 22.63 -33.74 -26.46
N ALA A 133 23.48 -34.78 -26.61
CA ALA A 133 24.58 -34.75 -27.57
C ALA A 133 24.11 -35.12 -28.98
N PRO A 134 24.62 -34.42 -30.00
CA PRO A 134 24.26 -34.75 -31.39
C PRO A 134 25.22 -35.77 -32.00
N SER A 135 24.83 -36.27 -33.17
CA SER A 135 25.70 -37.13 -33.98
C SER A 135 26.41 -36.29 -35.04
N SER A 136 27.75 -36.32 -35.04
CA SER A 136 28.52 -35.61 -36.05
C SER A 136 28.39 -36.23 -37.44
N LYS A 137 28.01 -37.49 -37.52
CA LYS A 137 27.87 -38.22 -38.78
C LYS A 137 26.96 -37.48 -39.74
N SER A 138 27.14 -37.74 -41.04
CA SER A 138 26.47 -36.99 -42.11
C SER A 138 25.29 -37.80 -42.66
N THR A 139 24.10 -37.21 -42.61
CA THR A 139 22.85 -37.87 -42.97
C THR A 139 22.36 -37.42 -44.35
N SER A 140 21.39 -38.17 -44.89
CA SER A 140 20.76 -37.80 -46.15
C SER A 140 19.95 -36.52 -46.04
N GLY A 141 19.61 -36.11 -44.82
CA GLY A 141 18.87 -34.89 -44.59
C GLY A 141 19.75 -33.71 -44.20
N GLY A 142 20.79 -33.95 -43.40
CA GLY A 142 21.79 -32.93 -43.19
C GLY A 142 21.62 -32.08 -41.95
N THR A 143 20.69 -32.40 -41.07
CA THR A 143 20.48 -31.58 -39.89
C THR A 143 20.59 -32.44 -38.65
N ALA A 144 21.24 -31.88 -37.63
CA ALA A 144 21.41 -32.53 -36.33
C ALA A 144 20.58 -31.84 -35.27
N ALA A 145 20.23 -32.59 -34.22
CA ALA A 145 19.64 -32.02 -33.01
C ALA A 145 20.63 -32.12 -31.86
N LEU A 146 20.62 -31.11 -30.99
CA LEU A 146 21.44 -31.07 -29.78
C LEU A 146 20.65 -30.33 -28.71
N GLY A 147 21.16 -30.32 -27.47
CA GLY A 147 20.48 -29.61 -26.42
C GLY A 147 21.07 -29.86 -25.03
N CYS A 148 20.31 -29.42 -24.02
CA CYS A 148 20.66 -29.62 -22.61
C CYS A 148 19.42 -30.06 -21.85
N LEU A 149 19.56 -31.11 -21.04
CA LEU A 149 18.55 -31.47 -20.06
C LEU A 149 18.82 -30.71 -18.76
N VAL A 150 17.82 -29.96 -18.32
CA VAL A 150 17.88 -29.15 -17.10
C VAL A 150 16.99 -29.83 -16.08
N LYS A 151 17.59 -30.51 -15.10
CA LYS A 151 16.91 -31.54 -14.32
C LYS A 151 17.04 -31.31 -12.81
N ASP A 152 15.94 -31.51 -12.09
CA ASP A 152 15.82 -31.48 -10.63
C ASP A 152 16.02 -30.11 -10.02
N TYR A 153 15.05 -29.22 -10.23
CA TYR A 153 15.09 -27.88 -9.65
C TYR A 153 13.72 -27.50 -9.11
N PHE A 154 13.75 -26.53 -8.21
CA PHE A 154 12.58 -26.01 -7.53
C PHE A 154 12.96 -24.70 -6.87
N PRO A 155 12.11 -23.68 -6.93
CA PRO A 155 10.83 -23.65 -7.65
C PRO A 155 11.06 -23.33 -9.13
N GLU A 156 9.99 -23.09 -9.86
CA GLU A 156 10.13 -22.51 -11.18
C GLU A 156 10.48 -21.03 -11.05
N PRO A 157 11.11 -20.45 -12.08
CA PRO A 157 11.47 -21.04 -13.35
C PRO A 157 12.96 -21.25 -13.47
N VAL A 158 13.34 -21.63 -14.69
CA VAL A 158 14.71 -21.59 -15.17
C VAL A 158 14.62 -20.81 -16.47
N THR A 159 15.71 -20.12 -16.83
CA THR A 159 15.88 -19.46 -18.12
C THR A 159 17.02 -20.13 -18.87
N VAL A 160 16.87 -20.22 -20.19
CA VAL A 160 17.85 -20.87 -21.05
C VAL A 160 18.10 -19.97 -22.25
N SER A 161 19.37 -19.71 -22.55
CA SER A 161 19.80 -19.12 -23.80
C SER A 161 20.89 -20.00 -24.39
N TRP A 162 21.22 -19.76 -25.65
CA TRP A 162 22.31 -20.43 -26.35
C TRP A 162 23.34 -19.39 -26.78
N ASN A 163 24.61 -19.66 -26.48
CA ASN A 163 25.74 -18.83 -26.91
C ASN A 163 25.53 -17.37 -26.51
N SER A 164 25.23 -17.18 -25.23
CA SER A 164 25.05 -15.85 -24.63
C SER A 164 24.01 -15.01 -25.39
N GLY A 165 23.05 -15.68 -26.02
CA GLY A 165 22.00 -15.00 -26.76
C GLY A 165 22.26 -14.89 -28.24
N ALA A 166 23.39 -15.41 -28.73
CA ALA A 166 23.71 -15.29 -30.15
C ALA A 166 22.88 -16.24 -31.00
N LEU A 167 22.49 -17.38 -30.43
CA LEU A 167 21.80 -18.45 -31.16
C LEU A 167 20.34 -18.51 -30.72
N THR A 168 19.44 -17.96 -31.55
CA THR A 168 18.00 -18.02 -31.31
C THR A 168 17.23 -18.86 -32.32
N SER A 169 17.56 -18.76 -33.61
CA SER A 169 16.87 -19.58 -34.61
C SER A 169 17.04 -21.06 -34.30
N GLY A 170 15.98 -21.83 -34.56
CA GLY A 170 15.98 -23.26 -34.30
C GLY A 170 15.81 -23.67 -32.85
N VAL A 171 15.98 -22.75 -31.89
CA VAL A 171 15.93 -23.10 -30.47
C VAL A 171 14.50 -23.43 -30.06
N HIS A 172 14.32 -24.53 -29.31
CA HIS A 172 13.08 -24.87 -28.59
C HIS A 172 13.41 -25.13 -27.12
N THR A 173 12.92 -24.26 -26.24
CA THR A 173 12.99 -24.49 -24.79
C THR A 173 11.58 -24.87 -24.30
N PHE A 174 11.42 -26.15 -23.87
CA PHE A 174 10.13 -26.73 -23.52
C PHE A 174 9.67 -26.29 -22.13
N PRO A 175 8.35 -26.22 -21.93
CA PRO A 175 7.81 -26.02 -20.58
C PRO A 175 8.26 -27.16 -19.66
N ALA A 176 8.74 -26.76 -18.48
CA ALA A 176 9.10 -27.73 -17.45
C ALA A 176 7.93 -28.66 -17.13
N VAL A 177 8.27 -29.86 -16.69
CA VAL A 177 7.32 -30.81 -16.12
C VAL A 177 7.70 -31.09 -14.66
N LEU A 178 6.68 -31.32 -13.85
CA LEU A 178 6.87 -31.68 -12.45
C LEU A 178 7.08 -33.19 -12.34
N GLN A 179 8.29 -33.62 -11.98
CA GLN A 179 8.57 -35.04 -11.82
C GLN A 179 7.88 -35.61 -10.58
N SER A 180 7.74 -36.94 -10.56
CA SER A 180 7.08 -37.59 -9.44
C SER A 180 7.73 -37.21 -8.10
N SER A 181 9.03 -36.91 -8.12
CA SER A 181 9.80 -36.59 -6.92
C SER A 181 9.53 -35.18 -6.39
N GLY A 182 8.77 -34.35 -7.09
CA GLY A 182 8.51 -33.01 -6.65
C GLY A 182 9.37 -31.94 -7.27
N LEU A 183 10.38 -32.33 -8.05
CA LEU A 183 11.30 -31.40 -8.70
C LEU A 183 10.97 -31.23 -10.19
N TYR A 184 11.23 -30.02 -10.70
CA TYR A 184 10.97 -29.77 -12.10
C TYR A 184 12.15 -30.26 -12.94
N SER A 185 11.88 -30.40 -14.25
CA SER A 185 12.89 -30.71 -15.25
C SER A 185 12.38 -30.26 -16.61
N LEU A 186 13.25 -29.60 -17.39
CA LEU A 186 12.91 -29.23 -18.75
C LEU A 186 14.11 -29.46 -19.64
N SER A 187 13.86 -29.52 -20.94
CA SER A 187 14.92 -29.63 -21.93
C SER A 187 14.87 -28.42 -22.86
N SER A 188 16.03 -28.01 -23.36
CA SER A 188 16.13 -26.97 -24.38
C SER A 188 16.91 -27.53 -25.55
N VAL A 189 16.31 -27.53 -26.74
CA VAL A 189 16.94 -28.09 -27.91
C VAL A 189 17.09 -27.03 -29.00
N VAL A 190 17.93 -27.32 -29.99
CA VAL A 190 18.05 -26.53 -31.21
C VAL A 190 18.52 -27.45 -32.34
N THR A 191 18.06 -27.17 -33.57
CA THR A 191 18.47 -27.94 -34.73
C THR A 191 19.39 -27.11 -35.61
N VAL A 192 20.50 -27.70 -36.00
CA VAL A 192 21.55 -26.99 -36.73
C VAL A 192 21.96 -27.83 -37.91
N PRO A 193 22.64 -27.24 -38.90
CA PRO A 193 23.23 -28.06 -39.97
C PRO A 193 24.29 -29.00 -39.39
N SER A 194 24.37 -30.20 -39.98
CA SER A 194 25.35 -31.19 -39.54
C SER A 194 26.78 -30.68 -39.74
N SER A 195 26.98 -29.78 -40.71
CA SER A 195 28.32 -29.25 -40.94
C SER A 195 28.79 -28.34 -39.79
N SER A 196 27.85 -27.68 -39.10
CA SER A 196 28.29 -26.77 -38.04
C SER A 196 28.84 -27.53 -36.83
N LEU A 197 28.52 -28.82 -36.70
CA LEU A 197 28.81 -29.59 -35.49
C LEU A 197 30.27 -29.55 -35.07
N GLY A 198 31.16 -30.18 -35.84
CA GLY A 198 32.56 -30.27 -35.43
C GLY A 198 33.25 -28.93 -35.27
N THR A 199 32.66 -27.86 -35.79
CA THR A 199 33.29 -26.54 -35.90
C THR A 199 32.63 -25.50 -35.00
N GLN A 200 31.34 -25.22 -35.24
CA GLN A 200 30.59 -24.28 -34.41
C GLN A 200 30.51 -24.76 -32.97
N THR A 201 30.48 -23.82 -32.04
CA THR A 201 30.44 -24.11 -30.61
C THR A 201 29.06 -23.81 -30.04
N TYR A 202 28.56 -24.72 -29.21
CA TYR A 202 27.21 -24.63 -28.68
C TYR A 202 27.27 -24.72 -27.16
N ILE A 203 26.82 -23.67 -26.48
CA ILE A 203 26.76 -23.62 -25.03
C ILE A 203 25.38 -23.16 -24.59
N CYS A 204 24.72 -23.96 -23.75
CA CYS A 204 23.47 -23.53 -23.12
C CYS A 204 23.79 -22.79 -21.83
N ASN A 205 23.19 -21.59 -21.68
CA ASN A 205 23.36 -20.76 -20.48
C ASN A 205 22.12 -20.92 -19.62
N VAL A 206 22.28 -21.54 -18.44
CA VAL A 206 21.16 -21.90 -17.56
C VAL A 206 21.23 -21.06 -16.30
N ASN A 207 20.14 -20.37 -15.99
CA ASN A 207 20.09 -19.54 -14.80
C ASN A 207 18.85 -19.90 -14.01
N HIS A 208 19.06 -20.35 -12.78
CA HIS A 208 17.98 -20.65 -11.83
C HIS A 208 18.20 -19.72 -10.64
N LYS A 209 17.54 -18.58 -10.67
CA LYS A 209 17.84 -17.48 -9.76
C LYS A 209 17.41 -17.73 -8.31
N PRO A 210 16.39 -18.54 -8.02
CA PRO A 210 16.04 -18.77 -6.61
C PRO A 210 17.11 -19.54 -5.84
N SER A 211 18.00 -20.24 -6.54
CA SER A 211 19.14 -20.91 -5.91
C SER A 211 20.46 -20.32 -6.36
N ASN A 212 20.40 -19.25 -7.16
CA ASN A 212 21.59 -18.57 -7.70
C ASN A 212 22.56 -19.56 -8.34
N THR A 213 22.00 -20.59 -8.96
CA THR A 213 22.74 -21.50 -9.82
C THR A 213 22.82 -20.90 -11.23
N LYS A 214 24.03 -20.78 -11.76
CA LYS A 214 24.25 -20.38 -13.15
C LYS A 214 25.22 -21.37 -13.77
N VAL A 215 24.77 -22.08 -14.80
CA VAL A 215 25.61 -23.10 -15.42
C VAL A 215 25.68 -22.86 -16.93
N ASP A 216 26.88 -23.02 -17.47
CA ASP A 216 27.14 -22.99 -18.91
C ASP A 216 27.67 -24.36 -19.32
N LYS A 217 26.98 -25.01 -20.25
CA LYS A 217 27.38 -26.35 -20.69
C LYS A 217 27.64 -26.31 -22.19
N LYS A 218 28.87 -26.63 -22.57
CA LYS A 218 29.23 -26.79 -23.98
C LYS A 218 28.81 -28.19 -24.43
N VAL A 219 27.95 -28.25 -25.44
CA VAL A 219 27.39 -29.51 -25.91
C VAL A 219 28.20 -29.94 -27.11
N GLU A 220 28.81 -31.13 -27.02
CA GLU A 220 29.65 -31.70 -28.06
C GLU A 220 29.11 -33.05 -28.54
N PRO A 221 29.29 -33.37 -29.83
CA PRO A 221 28.86 -34.65 -30.41
C PRO A 221 29.59 -35.86 -29.82
N ASP B 1 -18.87 -4.44 -8.97
CA ASP B 1 -18.13 -5.45 -9.70
C ASP B 1 -18.70 -5.74 -11.09
N ILE B 2 -17.93 -5.40 -12.13
CA ILE B 2 -18.26 -5.73 -13.49
C ILE B 2 -17.49 -6.99 -13.87
N VAL B 3 -18.22 -8.02 -14.31
CA VAL B 3 -17.64 -9.26 -14.81
C VAL B 3 -17.57 -9.18 -16.33
N MET B 4 -16.50 -9.73 -16.91
CA MET B 4 -16.26 -9.73 -18.36
C MET B 4 -16.26 -11.16 -18.88
N THR B 5 -17.13 -11.44 -19.84
CA THR B 5 -17.29 -12.79 -20.38
C THR B 5 -16.97 -12.78 -21.86
N GLN B 6 -15.96 -13.55 -22.25
CA GLN B 6 -15.52 -13.63 -23.64
C GLN B 6 -16.02 -14.92 -24.28
N SER B 7 -16.24 -14.86 -25.60
CA SER B 7 -16.57 -16.01 -26.43
C SER B 7 -15.90 -15.88 -27.80
N PRO B 8 -15.44 -16.99 -28.38
CA PRO B 8 -15.34 -18.34 -27.79
C PRO B 8 -14.13 -18.35 -26.87
N ASP B 9 -13.83 -19.43 -26.15
CA ASP B 9 -12.63 -19.47 -25.32
C ASP B 9 -11.38 -19.87 -26.12
N SER B 10 -11.58 -20.43 -27.31
CA SER B 10 -10.49 -20.65 -28.25
C SER B 10 -11.08 -20.72 -29.64
N LEU B 11 -10.31 -20.24 -30.61
CA LEU B 11 -10.67 -20.35 -32.02
C LEU B 11 -9.41 -20.62 -32.82
N ALA B 12 -9.59 -21.26 -33.95
CA ALA B 12 -8.51 -21.73 -34.83
C ALA B 12 -8.91 -21.35 -36.24
N VAL B 13 -8.16 -20.43 -36.85
CA VAL B 13 -8.46 -20.04 -38.23
C VAL B 13 -7.18 -20.21 -39.03
N SER B 14 -7.35 -20.48 -40.33
CA SER B 14 -6.20 -20.59 -41.19
C SER B 14 -5.58 -19.21 -41.43
N LEU B 15 -4.30 -19.19 -41.80
CA LEU B 15 -3.61 -17.91 -41.96
C LEU B 15 -4.32 -17.04 -43.00
N GLY B 16 -4.43 -15.75 -42.69
CA GLY B 16 -5.00 -14.79 -43.60
C GLY B 16 -6.50 -14.68 -43.56
N GLU B 17 -7.15 -15.34 -42.61
CA GLU B 17 -8.59 -15.26 -42.38
C GLU B 17 -8.84 -14.52 -41.07
N ARG B 18 -10.07 -14.06 -40.88
CA ARG B 18 -10.30 -13.21 -39.72
C ARG B 18 -10.59 -14.04 -38.48
N ALA B 19 -10.11 -13.53 -37.35
CA ALA B 19 -10.41 -14.06 -36.02
C ALA B 19 -11.37 -13.11 -35.33
N THR B 20 -12.49 -13.63 -34.85
CA THR B 20 -13.51 -12.80 -34.22
C THR B 20 -13.62 -13.17 -32.74
N ILE B 21 -13.32 -12.21 -31.86
CA ILE B 21 -13.38 -12.41 -30.42
C ILE B 21 -14.43 -11.48 -29.83
N ASN B 22 -15.35 -12.04 -29.07
CA ASN B 22 -16.44 -11.27 -28.49
C ASN B 22 -16.27 -11.18 -26.98
N CYS B 23 -16.77 -10.07 -26.41
CA CYS B 23 -16.67 -9.83 -24.97
C CYS B 23 -17.91 -9.08 -24.49
N LYS B 24 -18.44 -9.51 -23.34
CA LYS B 24 -19.60 -8.85 -22.74
C LYS B 24 -19.28 -8.42 -21.31
N SER B 25 -19.65 -7.18 -20.99
CA SER B 25 -19.61 -6.68 -19.62
C SER B 25 -20.97 -6.87 -18.98
N SER B 26 -20.97 -7.28 -17.69
CA SER B 26 -22.21 -7.48 -16.95
C SER B 26 -23.01 -6.20 -16.76
N GLN B 27 -22.40 -5.04 -16.98
CA GLN B 27 -23.05 -3.74 -16.85
C GLN B 27 -22.56 -2.83 -17.96
N ASN B 28 -23.33 -1.78 -18.20
CA ASN B 28 -22.91 -0.80 -19.19
C ASN B 28 -21.61 -0.14 -18.78
N ILE B 29 -20.73 0.07 -19.76
CA ILE B 29 -19.48 0.77 -19.56
C ILE B 29 -19.36 1.88 -20.61
N LEU B 30 -20.49 2.26 -21.20
CA LEU B 30 -20.57 3.49 -21.98
C LEU B 30 -20.90 4.65 -21.06
N TYR B 31 -20.09 5.70 -21.13
CA TYR B 31 -20.33 6.94 -20.40
C TYR B 31 -20.99 7.93 -21.35
N SER B 32 -22.29 8.16 -21.18
CA SER B 32 -23.02 9.02 -22.11
C SER B 32 -22.61 10.48 -21.98
N SER B 33 -21.99 10.86 -20.86
CA SER B 33 -21.49 12.22 -20.70
C SER B 33 -20.33 12.53 -21.65
N ASN B 34 -19.46 11.55 -21.97
CA ASN B 34 -18.41 11.77 -22.97
C ASN B 34 -18.45 10.79 -24.15
N ASN B 35 -19.46 9.90 -24.21
CA ASN B 35 -19.65 8.97 -25.33
C ASN B 35 -18.47 8.03 -25.53
N LYS B 36 -17.81 7.64 -24.44
CA LYS B 36 -16.67 6.72 -24.49
C LYS B 36 -17.00 5.44 -23.73
N ASN B 37 -16.73 4.29 -24.36
CA ASN B 37 -16.83 2.98 -23.72
C ASN B 37 -15.48 2.61 -23.11
N TYR B 38 -15.50 2.25 -21.83
CA TYR B 38 -14.28 2.09 -21.02
C TYR B 38 -13.76 0.66 -21.15
N LEU B 39 -13.47 0.28 -22.39
CA LEU B 39 -13.02 -1.06 -22.69
C LEU B 39 -11.63 -1.03 -23.33
N ALA B 40 -10.88 -2.11 -23.11
CA ALA B 40 -9.55 -2.28 -23.66
C ALA B 40 -9.36 -3.72 -24.11
N TRP B 41 -8.44 -3.91 -25.05
CA TRP B 41 -8.04 -5.23 -25.52
C TRP B 41 -6.54 -5.40 -25.33
N TYR B 42 -6.16 -6.56 -24.76
CA TYR B 42 -4.77 -6.98 -24.61
C TYR B 42 -4.54 -8.29 -25.36
N GLN B 43 -3.35 -8.44 -25.91
CA GLN B 43 -2.87 -9.68 -26.50
C GLN B 43 -1.72 -10.17 -25.63
N GLN B 44 -1.78 -11.40 -25.13
CA GLN B 44 -0.74 -11.92 -24.24
C GLN B 44 -0.15 -13.19 -24.85
N LYS B 45 1.13 -13.11 -25.29
CA LYS B 45 1.82 -14.24 -25.90
C LYS B 45 2.59 -15.01 -24.84
N PRO B 46 2.71 -16.33 -24.99
CA PRO B 46 3.24 -17.16 -23.89
C PRO B 46 4.62 -16.67 -23.45
N GLY B 47 4.84 -16.70 -22.13
CA GLY B 47 6.07 -16.22 -21.55
C GLY B 47 6.16 -14.72 -21.40
N GLN B 48 5.14 -13.98 -21.83
CA GLN B 48 5.20 -12.52 -21.88
C GLN B 48 4.03 -11.90 -21.13
N ALA B 49 4.23 -10.66 -20.74
CA ALA B 49 3.16 -9.88 -20.16
C ALA B 49 2.18 -9.40 -21.23
N PRO B 50 0.91 -9.20 -20.87
CA PRO B 50 -0.06 -8.66 -21.83
C PRO B 50 0.42 -7.37 -22.48
N LYS B 51 -0.03 -7.14 -23.71
CA LYS B 51 0.32 -5.95 -24.48
C LYS B 51 -0.97 -5.29 -24.95
N LEU B 52 -1.06 -3.96 -24.77
CA LEU B 52 -2.28 -3.24 -25.11
C LEU B 52 -2.40 -3.07 -26.62
N LEU B 53 -3.59 -3.37 -27.15
CA LEU B 53 -3.87 -3.14 -28.57
C LEU B 53 -4.90 -2.06 -28.81
N ILE B 54 -5.98 -2.02 -28.01
CA ILE B 54 -7.15 -1.17 -28.24
C ILE B 54 -7.60 -0.58 -26.90
N TYR B 55 -7.95 0.70 -26.89
CA TYR B 55 -8.57 1.36 -25.75
C TYR B 55 -9.72 2.25 -26.23
N TRP B 56 -10.59 2.62 -25.29
CA TRP B 56 -11.88 3.25 -25.60
C TRP B 56 -12.66 2.38 -26.58
N ALA B 57 -12.51 1.06 -26.43
CA ALA B 57 -13.23 0.03 -27.18
C ALA B 57 -12.87 -0.04 -28.66
N SER B 58 -12.35 1.05 -29.24
CA SER B 58 -12.11 1.03 -30.67
C SER B 58 -10.91 1.86 -31.15
N THR B 59 -10.19 2.53 -30.26
CA THR B 59 -9.01 3.31 -30.62
C THR B 59 -7.76 2.44 -30.53
N ARG B 60 -6.97 2.42 -31.61
CA ARG B 60 -5.76 1.59 -31.69
C ARG B 60 -4.61 2.23 -30.94
N GLU B 61 -3.90 1.42 -30.16
CA GLU B 61 -2.70 1.90 -29.50
C GLU B 61 -1.61 2.12 -30.54
N SER B 62 -0.80 3.16 -30.30
CA SER B 62 0.31 3.49 -31.20
C SER B 62 1.15 2.26 -31.49
N GLY B 63 1.34 1.99 -32.78
CA GLY B 63 2.12 0.86 -33.23
C GLY B 63 1.33 -0.40 -33.53
N VAL B 64 0.02 -0.42 -33.30
CA VAL B 64 -0.74 -1.66 -33.47
C VAL B 64 -1.17 -1.78 -34.94
N PRO B 65 -0.95 -2.93 -35.58
CA PRO B 65 -1.38 -3.14 -36.96
C PRO B 65 -2.87 -2.89 -37.17
N ASP B 66 -3.19 -2.47 -38.41
CA ASP B 66 -4.55 -2.10 -38.78
C ASP B 66 -5.48 -3.30 -38.85
N ARG B 67 -4.95 -4.51 -38.97
CA ARG B 67 -5.80 -5.69 -38.95
C ARG B 67 -6.46 -5.87 -37.58
N PHE B 68 -5.94 -5.21 -36.55
CA PHE B 68 -6.56 -5.23 -35.23
C PHE B 68 -7.56 -4.08 -35.16
N SER B 69 -8.84 -4.43 -34.97
CA SER B 69 -9.89 -3.42 -34.82
C SER B 69 -10.88 -3.90 -33.77
N GLY B 70 -11.33 -2.96 -32.96
CA GLY B 70 -12.30 -3.24 -31.93
C GLY B 70 -13.57 -2.45 -32.24
N SER B 71 -14.71 -3.04 -31.87
CA SER B 71 -16.00 -2.43 -32.13
C SER B 71 -16.93 -2.77 -30.97
N GLY B 72 -18.20 -2.39 -31.11
CA GLY B 72 -19.19 -2.62 -30.10
C GLY B 72 -19.40 -1.38 -29.25
N SER B 73 -20.36 -1.49 -28.33
CA SER B 73 -20.70 -0.36 -27.47
C SER B 73 -21.57 -0.86 -26.33
N GLY B 74 -21.56 -0.10 -25.23
CA GLY B 74 -22.40 -0.38 -24.08
C GLY B 74 -21.97 -1.58 -23.26
N THR B 75 -22.38 -2.76 -23.72
CA THR B 75 -22.13 -4.04 -23.05
C THR B 75 -21.71 -5.17 -24.00
N ASP B 76 -21.61 -4.91 -25.31
CA ASP B 76 -21.23 -5.93 -26.27
C ASP B 76 -20.05 -5.42 -27.11
N PHE B 77 -18.94 -6.13 -27.05
CA PHE B 77 -17.75 -5.67 -27.75
C PHE B 77 -17.12 -6.81 -28.53
N THR B 78 -16.28 -6.45 -29.50
CA THR B 78 -15.69 -7.45 -30.39
C THR B 78 -14.29 -7.02 -30.82
N LEU B 79 -13.33 -7.94 -30.73
CA LEU B 79 -12.02 -7.77 -31.31
C LEU B 79 -11.99 -8.53 -32.62
N THR B 80 -11.73 -7.81 -33.72
CA THR B 80 -11.68 -8.41 -35.05
C THR B 80 -10.24 -8.31 -35.54
N ILE B 81 -9.65 -9.46 -35.91
CA ILE B 81 -8.33 -9.48 -36.55
C ILE B 81 -8.55 -9.78 -38.02
N SER B 82 -8.37 -8.78 -38.87
CA SER B 82 -8.95 -8.86 -40.22
C SER B 82 -8.21 -9.88 -41.08
N SER B 83 -6.93 -10.12 -40.82
CA SER B 83 -6.20 -11.14 -41.57
C SER B 83 -5.13 -11.73 -40.64
N LEU B 84 -5.42 -12.91 -40.08
CA LEU B 84 -4.60 -13.46 -38.99
C LEU B 84 -3.21 -13.85 -39.49
N GLN B 85 -2.18 -13.22 -38.91
CA GLN B 85 -0.80 -13.58 -39.21
C GLN B 85 -0.34 -14.70 -38.27
N ALA B 86 0.69 -15.43 -38.70
CA ALA B 86 1.28 -16.47 -37.86
C ALA B 86 1.62 -15.95 -36.46
N GLU B 87 2.19 -14.74 -36.37
CA GLU B 87 2.63 -14.18 -35.09
C GLU B 87 1.49 -13.64 -34.22
N ASP B 88 0.23 -13.69 -34.66
CA ASP B 88 -0.89 -13.24 -33.85
C ASP B 88 -1.39 -14.33 -32.90
N VAL B 89 -0.75 -15.49 -32.90
CA VAL B 89 -1.07 -16.56 -31.96
C VAL B 89 -0.78 -16.07 -30.53
N ALA B 90 -1.79 -16.16 -29.67
CA ALA B 90 -1.78 -15.60 -28.31
C ALA B 90 -3.16 -15.82 -27.70
N VAL B 91 -3.26 -15.48 -26.42
CA VAL B 91 -4.53 -15.36 -25.73
C VAL B 91 -4.89 -13.88 -25.66
N TYR B 92 -6.13 -13.55 -26.01
CA TYR B 92 -6.56 -12.17 -26.06
C TYR B 92 -7.55 -11.91 -24.94
N TYR B 93 -7.40 -10.77 -24.26
CA TYR B 93 -8.28 -10.38 -23.16
C TYR B 93 -8.95 -9.04 -23.44
N CYS B 94 -10.24 -8.94 -23.12
CA CYS B 94 -10.87 -7.64 -22.96
C CYS B 94 -10.76 -7.21 -21.49
N HIS B 95 -10.95 -5.92 -21.24
CA HIS B 95 -10.65 -5.34 -19.93
C HIS B 95 -11.47 -4.09 -19.72
N GLN B 96 -12.21 -4.01 -18.61
CA GLN B 96 -13.00 -2.81 -18.33
C GLN B 96 -12.30 -1.95 -17.28
N TYR B 97 -12.43 -0.63 -17.43
CA TYR B 97 -11.94 0.34 -16.47
C TYR B 97 -13.00 1.42 -16.22
N TYR B 98 -14.26 1.00 -16.29
CA TYR B 98 -15.38 1.84 -15.88
C TYR B 98 -15.47 1.93 -14.36
N SER B 99 -15.50 0.79 -13.69
CA SER B 99 -15.67 0.76 -12.25
C SER B 99 -14.56 -0.05 -11.59
N SER B 100 -14.27 0.31 -10.39
CA SER B 100 -13.41 -0.44 -9.51
C SER B 100 -14.22 -1.57 -8.86
N PRO B 101 -13.67 -2.78 -8.78
CA PRO B 101 -12.33 -3.20 -9.19
C PRO B 101 -12.18 -3.31 -10.70
N LEU B 102 -10.97 -3.03 -11.18
CA LEU B 102 -10.61 -3.32 -12.56
C LEU B 102 -10.68 -4.82 -12.77
N THR B 103 -11.30 -5.24 -13.88
CA THR B 103 -11.48 -6.65 -14.19
C THR B 103 -11.10 -6.93 -15.64
N PHE B 104 -10.70 -8.17 -15.89
CA PHE B 104 -10.36 -8.69 -17.20
C PHE B 104 -11.33 -9.82 -17.54
N GLY B 105 -11.45 -10.14 -18.83
CA GLY B 105 -12.14 -11.33 -19.26
C GLY B 105 -11.32 -12.60 -19.03
N GLY B 106 -11.91 -13.73 -19.42
CA GLY B 106 -11.26 -15.03 -19.23
C GLY B 106 -10.21 -15.40 -20.27
N GLY B 107 -10.16 -14.68 -21.39
CA GLY B 107 -9.20 -14.94 -22.44
C GLY B 107 -9.80 -15.69 -23.63
N THR B 108 -9.35 -15.37 -24.84
CA THR B 108 -9.66 -16.14 -26.05
C THR B 108 -8.33 -16.58 -26.64
N LYS B 109 -8.05 -17.87 -26.59
CA LYS B 109 -6.85 -18.43 -27.19
C LYS B 109 -7.04 -18.49 -28.70
N VAL B 110 -6.15 -17.84 -29.43
CA VAL B 110 -6.28 -17.70 -30.88
C VAL B 110 -5.12 -18.46 -31.52
N GLU B 111 -5.46 -19.46 -32.32
CA GLU B 111 -4.46 -20.40 -32.82
C GLU B 111 -4.69 -20.60 -34.31
N ILE B 112 -3.61 -20.90 -35.03
CA ILE B 112 -3.63 -20.97 -36.49
C ILE B 112 -3.93 -22.40 -36.94
N LYS B 113 -4.86 -22.53 -37.87
CA LYS B 113 -5.13 -23.75 -38.62
C LYS B 113 -4.24 -23.79 -39.86
N ARG B 114 -3.45 -24.86 -40.03
CA ARG B 114 -2.52 -24.97 -41.15
C ARG B 114 -2.49 -26.44 -41.60
N THR B 115 -1.71 -26.70 -42.65
CA THR B 115 -1.64 -28.06 -43.20
C THR B 115 -0.76 -28.92 -42.30
N VAL B 116 -0.96 -30.24 -42.41
CA VAL B 116 -0.16 -31.20 -41.68
C VAL B 116 1.33 -31.03 -41.98
N ALA B 117 2.15 -31.36 -40.99
CA ALA B 117 3.60 -31.40 -41.12
C ALA B 117 4.11 -32.51 -40.22
N ALA B 118 4.75 -33.50 -40.81
CA ALA B 118 5.33 -34.57 -40.02
C ALA B 118 6.44 -34.02 -39.10
N PRO B 119 6.62 -34.59 -37.91
CA PRO B 119 7.74 -34.21 -37.05
C PRO B 119 9.09 -34.75 -37.52
N SER B 120 10.14 -34.11 -37.03
CA SER B 120 11.50 -34.62 -37.11
C SER B 120 11.89 -35.22 -35.77
N VAL B 121 12.33 -36.48 -35.78
CA VAL B 121 12.48 -37.27 -34.56
C VAL B 121 13.95 -37.49 -34.27
N PHE B 122 14.34 -37.26 -33.02
CA PHE B 122 15.70 -37.49 -32.58
C PHE B 122 15.65 -38.15 -31.21
N ILE B 123 16.63 -39.02 -30.91
CA ILE B 123 16.68 -39.70 -29.61
C ILE B 123 18.02 -39.41 -28.94
N PHE B 124 17.98 -39.14 -27.64
CA PHE B 124 19.20 -38.79 -26.91
C PHE B 124 19.45 -39.81 -25.82
N PRO B 125 20.57 -40.52 -25.86
CA PRO B 125 20.94 -41.37 -24.73
C PRO B 125 21.28 -40.51 -23.53
N PRO B 126 21.27 -41.05 -22.33
CA PRO B 126 21.68 -40.24 -21.17
C PRO B 126 23.19 -40.04 -21.21
N SER B 127 23.61 -38.87 -20.73
CA SER B 127 25.03 -38.59 -20.57
C SER B 127 25.65 -39.56 -19.57
N ASP B 128 26.94 -39.85 -19.76
CA ASP B 128 27.66 -40.59 -18.72
C ASP B 128 27.61 -39.83 -17.41
N GLU B 129 27.81 -38.51 -17.46
CA GLU B 129 27.77 -37.67 -16.27
C GLU B 129 26.58 -38.00 -15.37
N GLN B 130 25.38 -37.95 -15.95
CA GLN B 130 24.16 -38.20 -15.17
C GLN B 130 24.17 -39.60 -14.55
N LEU B 131 24.73 -40.58 -15.28
CA LEU B 131 24.72 -41.96 -14.79
C LEU B 131 25.61 -42.13 -13.56
N LYS B 132 26.65 -41.29 -13.40
CA LYS B 132 27.41 -41.29 -12.15
C LYS B 132 26.49 -41.12 -10.95
N SER B 133 25.55 -40.17 -11.04
CA SER B 133 24.58 -39.85 -10.00
C SER B 133 23.40 -40.82 -9.95
N GLY B 134 23.46 -41.97 -10.65
CA GLY B 134 22.52 -43.04 -10.42
C GLY B 134 21.17 -42.95 -11.11
N THR B 135 20.99 -42.04 -12.06
CA THR B 135 19.74 -42.00 -12.81
C THR B 135 20.03 -41.85 -14.30
N ALA B 136 19.11 -42.37 -15.10
CA ALA B 136 19.20 -42.32 -16.56
C ALA B 136 17.97 -41.63 -17.12
N SER B 137 18.20 -40.62 -17.96
CA SER B 137 17.16 -39.84 -18.64
C SER B 137 17.35 -40.01 -20.14
N VAL B 138 16.44 -40.73 -20.81
CA VAL B 138 16.43 -40.87 -22.26
C VAL B 138 15.41 -39.90 -22.82
N VAL B 139 15.82 -39.08 -23.79
CA VAL B 139 15.02 -37.97 -24.31
C VAL B 139 14.68 -38.25 -25.78
N CYS B 140 13.39 -38.18 -26.13
CA CYS B 140 12.94 -38.25 -27.52
C CYS B 140 12.35 -36.90 -27.91
N LEU B 141 12.82 -36.35 -29.04
CA LEU B 141 12.42 -35.03 -29.51
C LEU B 141 11.64 -35.13 -30.81
N LEU B 142 10.48 -34.48 -30.86
CA LEU B 142 9.69 -34.32 -32.08
C LEU B 142 9.67 -32.83 -32.40
N ASN B 143 10.02 -32.46 -33.63
CA ASN B 143 10.36 -31.07 -33.93
C ASN B 143 9.44 -30.52 -35.03
N ASN B 144 8.83 -29.36 -34.74
CA ASN B 144 8.07 -28.57 -35.74
C ASN B 144 7.09 -29.42 -36.55
N PHE B 145 6.05 -29.89 -35.87
CA PHE B 145 5.02 -30.69 -36.52
C PHE B 145 3.65 -30.06 -36.29
N TYR B 146 2.66 -30.58 -37.02
CA TYR B 146 1.28 -30.13 -36.95
C TYR B 146 0.44 -31.23 -37.57
N PRO B 147 -0.71 -31.62 -36.95
CA PRO B 147 -1.34 -31.01 -35.77
C PRO B 147 -0.64 -31.35 -34.46
N ARG B 148 -1.11 -30.74 -33.37
CA ARG B 148 -0.41 -30.81 -32.09
C ARG B 148 -0.40 -32.23 -31.53
N GLU B 149 -1.54 -32.91 -31.63
CA GLU B 149 -1.66 -34.27 -31.12
C GLU B 149 -0.59 -35.19 -31.73
N ALA B 150 0.13 -35.88 -30.87
CA ALA B 150 1.14 -36.86 -31.27
C ALA B 150 1.12 -38.01 -30.27
N LYS B 151 1.67 -39.16 -30.67
CA LYS B 151 1.83 -40.30 -29.78
C LYS B 151 3.30 -40.73 -29.73
N VAL B 152 3.91 -40.67 -28.56
CA VAL B 152 5.26 -41.17 -28.33
C VAL B 152 5.17 -42.43 -27.48
N GLN B 153 5.74 -43.53 -27.97
CA GLN B 153 5.79 -44.78 -27.23
C GLN B 153 7.24 -45.20 -27.09
N TRP B 154 7.71 -45.29 -25.86
CA TRP B 154 9.04 -45.82 -25.57
C TRP B 154 9.00 -47.34 -25.57
N LYS B 155 9.98 -47.97 -26.22
CA LYS B 155 10.17 -49.42 -26.16
C LYS B 155 11.60 -49.69 -25.71
N VAL B 156 11.76 -50.62 -24.76
CA VAL B 156 13.06 -50.93 -24.19
C VAL B 156 13.31 -52.43 -24.35
N ASP B 157 14.34 -52.77 -25.13
CA ASP B 157 14.47 -54.12 -25.70
C ASP B 157 13.13 -54.60 -26.24
N ASN B 158 12.47 -53.73 -27.01
CA ASN B 158 11.20 -54.02 -27.67
C ASN B 158 10.07 -54.33 -26.68
N ALA B 159 10.19 -53.87 -25.43
CA ALA B 159 9.09 -53.95 -24.47
C ALA B 159 8.44 -52.59 -24.31
N LEU B 160 7.13 -52.52 -24.55
CA LEU B 160 6.39 -51.25 -24.46
C LEU B 160 6.42 -50.69 -23.04
N GLN B 161 6.94 -49.47 -22.88
CA GLN B 161 7.01 -48.82 -21.57
C GLN B 161 5.71 -48.11 -21.20
N SER B 162 5.42 -48.11 -19.90
CA SER B 162 4.28 -47.39 -19.37
C SER B 162 4.65 -46.79 -18.02
N GLY B 163 4.06 -45.62 -17.73
CA GLY B 163 4.20 -44.97 -16.45
C GLY B 163 5.52 -44.28 -16.17
N ASN B 164 6.54 -44.50 -17.00
CA ASN B 164 7.89 -44.10 -16.68
C ASN B 164 8.42 -42.94 -17.53
N SER B 165 7.53 -42.21 -18.21
CA SER B 165 7.95 -41.13 -19.11
C SER B 165 7.05 -39.91 -18.92
N GLN B 166 7.61 -38.75 -19.25
CA GLN B 166 6.90 -37.48 -19.14
C GLN B 166 7.09 -36.67 -20.42
N GLU B 167 6.02 -36.02 -20.88
CA GLU B 167 6.03 -35.22 -22.10
C GLU B 167 5.77 -33.75 -21.81
N SER B 168 6.24 -32.91 -22.73
CA SER B 168 5.92 -31.49 -22.76
C SER B 168 5.97 -31.00 -24.21
N VAL B 169 5.01 -30.14 -24.57
CA VAL B 169 4.89 -29.59 -25.92
C VAL B 169 4.98 -28.08 -25.84
N THR B 170 5.75 -27.47 -26.73
CA THR B 170 5.83 -26.01 -26.82
C THR B 170 4.51 -25.39 -27.26
N GLU B 171 4.40 -24.09 -27.06
CA GLU B 171 3.34 -23.31 -27.70
C GLU B 171 3.52 -23.31 -29.23
N GLN B 172 2.46 -22.93 -29.93
CA GLN B 172 2.49 -22.82 -31.38
C GLN B 172 3.48 -21.76 -31.84
N ASP B 173 4.32 -22.12 -32.81
CA ASP B 173 5.40 -21.27 -33.30
C ASP B 173 4.85 -20.02 -34.01
N SER B 174 5.45 -18.88 -33.71
CA SER B 174 5.04 -17.59 -34.27
C SER B 174 5.55 -17.36 -35.69
N LYS B 175 6.27 -18.30 -36.28
CA LYS B 175 6.74 -18.18 -37.66
C LYS B 175 6.12 -19.20 -38.60
N ASP B 176 6.19 -20.50 -38.28
CA ASP B 176 5.62 -21.53 -39.15
C ASP B 176 4.42 -22.25 -38.55
N SER B 177 4.03 -21.91 -37.31
CA SER B 177 2.79 -22.35 -36.67
C SER B 177 2.78 -23.84 -36.34
N THR B 178 3.94 -24.46 -36.20
CA THR B 178 4.02 -25.85 -35.80
C THR B 178 4.21 -25.96 -34.30
N TYR B 179 4.37 -27.19 -33.83
CA TYR B 179 4.64 -27.48 -32.44
C TYR B 179 5.84 -28.42 -32.37
N SER B 180 6.55 -28.40 -31.26
CA SER B 180 7.57 -29.39 -30.99
C SER B 180 7.32 -30.02 -29.63
N LEU B 181 7.67 -31.31 -29.49
CA LEU B 181 7.35 -32.09 -28.31
C LEU B 181 8.59 -32.81 -27.79
N SER B 182 8.68 -32.88 -26.46
CA SER B 182 9.71 -33.64 -25.77
C SER B 182 9.07 -34.80 -25.01
N SER B 183 9.70 -35.96 -25.04
CA SER B 183 9.35 -37.08 -24.17
C SER B 183 10.61 -37.55 -23.47
N THR B 184 10.57 -37.57 -22.14
CA THR B 184 11.71 -37.97 -21.32
C THR B 184 11.36 -39.23 -20.55
N LEU B 185 12.10 -40.30 -20.81
CA LEU B 185 12.00 -41.55 -20.05
C LEU B 185 13.11 -41.57 -19.01
N THR B 186 12.75 -41.81 -17.75
CA THR B 186 13.69 -41.81 -16.65
C THR B 186 13.74 -43.20 -16.02
N LEU B 187 14.94 -43.78 -15.95
CA LEU B 187 15.18 -45.04 -15.26
C LEU B 187 16.30 -44.87 -14.23
N SER B 188 16.29 -45.71 -13.20
CA SER B 188 17.47 -45.85 -12.35
C SER B 188 18.64 -46.35 -13.20
N LYS B 189 19.86 -46.14 -12.69
CA LYS B 189 21.01 -46.68 -13.42
C LYS B 189 20.92 -48.19 -13.55
N ALA B 190 20.38 -48.86 -12.52
CA ALA B 190 20.29 -50.32 -12.56
C ALA B 190 19.30 -50.78 -13.61
N ASP B 191 18.15 -50.11 -13.72
CA ASP B 191 17.21 -50.46 -14.76
C ASP B 191 17.70 -50.03 -16.13
N TYR B 192 18.62 -49.05 -16.18
CA TYR B 192 19.20 -48.64 -17.46
C TYR B 192 20.19 -49.69 -18.00
N GLU B 193 21.14 -50.12 -17.16
CA GLU B 193 22.18 -51.05 -17.62
C GLU B 193 21.70 -52.47 -17.87
N LYS B 194 20.50 -52.85 -17.40
CA LYS B 194 19.98 -54.21 -17.61
C LYS B 194 19.34 -54.40 -18.97
N HIS B 195 19.26 -53.35 -19.78
CA HIS B 195 18.64 -53.37 -21.10
C HIS B 195 19.66 -52.85 -22.11
N LYS B 196 19.36 -53.04 -23.40
CA LYS B 196 20.27 -52.67 -24.47
C LYS B 196 19.65 -51.75 -25.51
N VAL B 197 18.47 -52.09 -26.05
CA VAL B 197 17.87 -51.36 -27.15
C VAL B 197 16.85 -50.35 -26.59
N TYR B 198 17.12 -49.07 -26.81
CA TYR B 198 16.25 -47.98 -26.38
C TYR B 198 15.68 -47.28 -27.60
N ALA B 199 14.36 -47.18 -27.65
CA ALA B 199 13.65 -46.74 -28.85
C ALA B 199 12.43 -45.92 -28.48
N CYS B 200 12.23 -44.80 -29.15
CA CYS B 200 10.92 -44.16 -29.12
C CYS B 200 10.29 -44.33 -30.49
N GLU B 201 9.01 -44.67 -30.50
CA GLU B 201 8.22 -44.84 -31.71
C GLU B 201 7.17 -43.75 -31.77
N VAL B 202 7.18 -42.96 -32.85
CA VAL B 202 6.37 -41.77 -32.98
C VAL B 202 5.29 -42.05 -34.03
N THR B 203 4.02 -41.96 -33.60
CA THR B 203 2.88 -41.94 -34.50
C THR B 203 2.33 -40.51 -34.57
N HIS B 204 1.88 -40.10 -35.75
CA HIS B 204 1.44 -38.72 -35.94
C HIS B 204 0.78 -38.60 -37.30
N GLN B 205 -0.13 -37.63 -37.42
CA GLN B 205 -0.91 -37.46 -38.65
C GLN B 205 -0.02 -37.34 -39.90
N GLY B 206 1.22 -36.85 -39.74
CA GLY B 206 2.11 -36.60 -40.87
C GLY B 206 2.94 -37.78 -41.34
N LEU B 207 2.91 -38.88 -40.59
CA LEU B 207 3.67 -40.08 -40.89
C LEU B 207 2.66 -41.15 -41.24
N SER B 208 2.65 -41.57 -42.52
CA SER B 208 1.79 -42.68 -42.90
C SER B 208 2.13 -43.92 -42.09
N SER B 209 3.40 -44.15 -41.83
CA SER B 209 3.73 -45.16 -40.85
C SER B 209 4.58 -44.54 -39.73
N PRO B 210 4.48 -45.05 -38.50
CA PRO B 210 5.18 -44.38 -37.40
C PRO B 210 6.69 -44.47 -37.58
N VAL B 211 7.41 -43.58 -36.91
CA VAL B 211 8.86 -43.42 -37.04
C VAL B 211 9.50 -43.92 -35.75
N THR B 212 10.51 -44.78 -35.88
CA THR B 212 11.22 -45.31 -34.72
C THR B 212 12.67 -44.87 -34.76
N LYS B 213 13.10 -44.17 -33.72
CA LYS B 213 14.49 -43.77 -33.54
C LYS B 213 15.08 -44.56 -32.38
N SER B 214 16.30 -45.05 -32.55
CA SER B 214 16.81 -46.07 -31.65
C SER B 214 18.31 -45.90 -31.42
N PHE B 215 18.77 -46.44 -30.30
CA PHE B 215 20.20 -46.57 -30.04
C PHE B 215 20.40 -47.81 -29.18
N ASN B 216 21.65 -48.27 -29.14
CA ASN B 216 22.06 -49.39 -28.32
C ASN B 216 23.01 -48.89 -27.24
N ARG B 217 22.72 -49.22 -25.99
CA ARG B 217 23.50 -48.70 -24.88
C ARG B 217 24.90 -49.30 -24.88
N ASP C 1 24.80 21.14 25.58
CA ASP C 1 23.41 20.79 25.32
C ASP C 1 23.28 19.30 25.00
N ILE C 2 22.44 18.59 25.74
CA ILE C 2 22.18 17.18 25.48
C ILE C 2 20.92 17.11 24.60
N VAL C 3 21.13 16.84 23.30
CA VAL C 3 20.06 16.62 22.33
C VAL C 3 19.63 15.16 22.38
N MET C 4 18.31 14.92 22.47
CA MET C 4 17.69 13.60 22.43
C MET C 4 17.10 13.39 21.04
N THR C 5 17.37 12.24 20.43
CA THR C 5 16.80 11.89 19.12
C THR C 5 16.05 10.57 19.25
N GLN C 6 14.83 10.52 18.70
CA GLN C 6 13.96 9.35 18.71
C GLN C 6 13.76 8.76 17.33
N SER C 7 13.42 7.47 17.30
CA SER C 7 13.25 6.75 16.04
C SER C 7 12.50 5.46 16.30
N PRO C 8 11.57 5.08 15.43
CA PRO C 8 11.17 5.79 14.20
C PRO C 8 10.37 7.05 14.51
N ASP C 9 10.13 7.94 13.55
CA ASP C 9 9.30 9.09 13.82
C ASP C 9 7.81 8.73 13.86
N SER C 10 7.47 7.51 13.43
CA SER C 10 6.10 7.01 13.56
C SER C 10 6.16 5.50 13.40
N LEU C 11 5.17 4.83 13.96
CA LEU C 11 5.08 3.38 13.85
C LEU C 11 3.63 2.98 14.03
N ALA C 12 3.21 1.98 13.26
CA ALA C 12 1.89 1.39 13.41
C ALA C 12 2.08 -0.11 13.55
N VAL C 13 1.40 -0.70 14.52
CA VAL C 13 1.39 -2.15 14.73
C VAL C 13 -0.02 -2.54 15.11
N SER C 14 -0.29 -3.84 15.03
CA SER C 14 -1.65 -4.25 15.29
C SER C 14 -1.92 -4.29 16.79
N LEU C 15 -3.21 -4.30 17.12
CA LEU C 15 -3.61 -4.43 18.51
C LEU C 15 -2.95 -5.68 19.11
N GLY C 16 -2.56 -5.57 20.38
CA GLY C 16 -1.96 -6.67 21.10
C GLY C 16 -0.51 -6.96 20.78
N GLU C 17 0.06 -6.32 19.76
CA GLU C 17 1.43 -6.57 19.37
C GLU C 17 2.37 -5.58 20.04
N ARG C 18 3.67 -5.90 19.99
CA ARG C 18 4.70 -5.11 20.65
C ARG C 18 4.99 -3.84 19.87
N ALA C 19 5.26 -2.74 20.60
CA ALA C 19 5.65 -1.46 20.02
C ALA C 19 6.95 -1.00 20.68
N THR C 20 7.94 -0.69 19.86
CA THR C 20 9.31 -0.44 20.33
C THR C 20 9.74 0.94 19.87
N ILE C 21 10.06 1.81 20.83
CA ILE C 21 10.40 3.21 20.60
C ILE C 21 11.82 3.44 21.10
N ASN C 22 12.66 4.04 20.26
CA ASN C 22 14.07 4.21 20.58
C ASN C 22 14.38 5.68 20.86
N CYS C 23 15.37 5.88 21.72
CA CYS C 23 15.81 7.22 22.05
C CYS C 23 17.32 7.22 22.25
N LYS C 24 17.98 8.22 21.69
CA LYS C 24 19.42 8.40 21.81
C LYS C 24 19.69 9.81 22.33
N SER C 25 20.44 9.90 23.44
CA SER C 25 20.97 11.16 23.94
C SER C 25 22.35 11.40 23.37
N SER C 26 22.64 12.65 22.99
CA SER C 26 23.89 12.96 22.30
C SER C 26 25.11 12.78 23.20
N GLN C 27 24.93 12.88 24.51
CA GLN C 27 25.96 12.61 25.52
C GLN C 27 25.43 11.60 26.51
N ASN C 28 26.34 11.09 27.34
CA ASN C 28 25.99 10.14 28.40
C ASN C 28 25.05 10.75 29.42
N ILE C 29 24.08 9.96 29.89
CA ILE C 29 23.19 10.41 30.94
C ILE C 29 23.05 9.34 32.04
N LEU C 30 24.05 8.47 32.18
CA LEU C 30 24.18 7.61 33.35
C LEU C 30 25.22 8.18 34.31
N TYR C 31 24.88 8.25 35.59
CA TYR C 31 25.76 8.83 36.61
C TYR C 31 26.35 7.67 37.41
N SER C 32 27.67 7.50 37.31
CA SER C 32 28.29 6.28 37.82
C SER C 32 28.07 6.11 39.32
N SER C 33 27.95 7.22 40.04
CA SER C 33 27.88 7.21 41.50
C SER C 33 26.60 6.54 42.00
N ASN C 34 25.44 7.08 41.65
CA ASN C 34 24.19 6.43 42.03
C ASN C 34 23.74 5.34 41.06
N ASN C 35 24.40 5.23 39.89
CA ASN C 35 24.09 4.21 38.88
C ASN C 35 22.69 4.44 38.27
N LYS C 36 22.30 5.71 38.09
CA LYS C 36 20.97 6.04 37.60
C LYS C 36 21.01 6.74 36.25
N ASN C 37 20.11 6.34 35.36
CA ASN C 37 19.92 7.00 34.07
C ASN C 37 18.86 8.08 34.24
N TYR C 38 19.26 9.35 34.01
CA TYR C 38 18.38 10.49 34.24
C TYR C 38 17.50 10.68 33.00
N LEU C 39 16.59 9.72 32.80
CA LEU C 39 15.75 9.70 31.61
C LEU C 39 14.30 9.40 31.96
N ALA C 40 13.39 10.13 31.33
CA ALA C 40 11.96 9.94 31.47
C ALA C 40 11.31 9.67 30.12
N TRP C 41 10.17 8.96 30.15
CA TRP C 41 9.33 8.74 28.97
C TRP C 41 7.93 9.31 29.24
N TYR C 42 7.42 10.10 28.28
CA TYR C 42 6.10 10.68 28.36
C TYR C 42 5.24 10.21 27.20
N GLN C 43 3.92 10.18 27.44
CA GLN C 43 2.88 9.87 26.46
C GLN C 43 1.97 11.09 26.33
N GLN C 44 1.84 11.63 25.13
CA GLN C 44 0.95 12.77 24.90
C GLN C 44 -0.13 12.37 23.91
N LYS C 45 -1.37 12.23 24.41
CA LYS C 45 -2.57 12.10 23.59
C LYS C 45 -3.05 13.47 23.13
N PRO C 46 -3.86 13.54 22.07
CA PRO C 46 -4.20 14.84 21.49
C PRO C 46 -5.14 15.66 22.37
N GLY C 47 -4.94 16.98 22.33
CA GLY C 47 -5.68 17.89 23.19
C GLY C 47 -5.33 17.80 24.66
N GLN C 48 -4.17 17.23 24.99
CA GLN C 48 -3.79 16.97 26.37
C GLN C 48 -2.32 17.31 26.60
N ALA C 49 -1.99 17.63 27.85
CA ALA C 49 -0.59 17.70 28.23
C ALA C 49 0.03 16.30 28.23
N PRO C 50 1.35 16.21 28.07
CA PRO C 50 2.03 14.91 28.23
C PRO C 50 1.84 14.32 29.62
N LYS C 51 1.97 12.99 29.70
CA LYS C 51 1.77 12.22 30.93
C LYS C 51 2.99 11.35 31.20
N LEU C 52 3.64 11.57 32.35
CA LEU C 52 4.80 10.78 32.73
C LEU C 52 4.46 9.28 32.76
N LEU C 53 5.33 8.46 32.15
CA LEU C 53 5.18 7.02 32.17
C LEU C 53 6.27 6.32 32.96
N ILE C 54 7.53 6.66 32.66
CA ILE C 54 8.75 6.03 33.16
C ILE C 54 9.71 7.13 33.60
N TYR C 55 10.46 6.86 34.67
CA TYR C 55 11.60 7.71 35.06
C TYR C 55 12.76 6.81 35.47
N TRP C 56 13.94 7.43 35.62
CA TRP C 56 15.19 6.69 35.84
C TRP C 56 15.44 5.66 34.76
N ALA C 57 14.98 5.97 33.53
CA ALA C 57 14.98 5.09 32.36
C ALA C 57 14.11 3.85 32.50
N SER C 58 14.04 3.21 33.68
CA SER C 58 13.30 1.96 33.77
C SER C 58 12.29 1.84 34.89
N THR C 59 12.16 2.84 35.76
CA THR C 59 11.13 2.85 36.81
C THR C 59 9.80 3.33 36.27
N ARG C 60 8.72 2.62 36.60
CA ARG C 60 7.39 3.06 36.20
C ARG C 60 6.86 4.12 37.16
N GLU C 61 6.21 5.13 36.60
CA GLU C 61 5.39 6.01 37.42
C GLU C 61 4.22 5.19 37.94
N SER C 62 3.74 5.56 39.12
CA SER C 62 2.65 4.80 39.75
C SER C 62 1.38 4.90 38.92
N GLY C 63 0.65 3.79 38.85
CA GLY C 63 -0.62 3.74 38.17
C GLY C 63 -0.50 3.56 36.67
N VAL C 64 0.70 3.54 36.13
CA VAL C 64 0.89 3.30 34.71
C VAL C 64 0.73 1.81 34.48
N PRO C 65 0.02 1.38 33.43
CA PRO C 65 -0.09 -0.05 33.12
C PRO C 65 1.27 -0.70 32.93
N ASP C 66 1.41 -1.93 33.44
CA ASP C 66 2.74 -2.52 33.37
C ASP C 66 3.10 -3.01 31.98
N ARG C 67 2.19 -2.91 30.99
CA ARG C 67 2.55 -3.18 29.61
C ARG C 67 3.53 -2.17 29.04
N PHE C 68 3.76 -1.08 29.76
CA PHE C 68 4.78 -0.09 29.44
C PHE C 68 6.02 -0.39 30.28
N SER C 69 7.19 -0.36 29.64
CA SER C 69 8.44 -0.62 30.33
C SER C 69 9.55 0.14 29.62
N GLY C 70 10.46 0.72 30.40
CA GLY C 70 11.64 1.37 29.85
C GLY C 70 12.86 0.50 30.04
N SER C 71 13.85 0.70 29.16
CA SER C 71 15.10 -0.04 29.23
C SER C 71 16.21 0.77 28.57
N GLY C 72 17.46 0.32 28.75
CA GLY C 72 18.62 0.95 28.15
C GLY C 72 19.52 1.62 29.19
N SER C 73 20.70 2.02 28.72
CA SER C 73 21.75 2.55 29.58
C SER C 73 22.64 3.50 28.78
N GLY C 74 23.08 4.59 29.42
CA GLY C 74 24.06 5.47 28.81
C GLY C 74 23.51 6.49 27.84
N THR C 75 23.35 6.09 26.58
CA THR C 75 22.88 6.95 25.49
C THR C 75 21.79 6.31 24.64
N ASP C 76 21.62 4.99 24.71
CA ASP C 76 20.66 4.24 23.90
C ASP C 76 19.54 3.79 24.83
N PHE C 77 18.30 4.16 24.51
CA PHE C 77 17.17 3.84 25.38
C PHE C 77 15.97 3.40 24.55
N THR C 78 15.11 2.59 25.17
CA THR C 78 13.96 2.03 24.48
C THR C 78 12.76 2.05 25.41
N LEU C 79 11.62 2.47 24.86
CA LEU C 79 10.32 2.27 25.48
C LEU C 79 9.60 1.17 24.72
N THR C 80 9.12 0.16 25.46
CA THR C 80 8.47 -1.02 24.88
C THR C 80 7.04 -1.10 25.41
N ILE C 81 6.08 -1.09 24.51
CA ILE C 81 4.70 -1.40 24.87
C ILE C 81 4.47 -2.86 24.52
N SER C 82 4.21 -3.69 25.53
CA SER C 82 4.26 -5.14 25.34
C SER C 82 3.10 -5.62 24.48
N SER C 83 1.95 -4.96 24.56
CA SER C 83 0.73 -5.39 23.88
C SER C 83 -0.12 -4.14 23.64
N LEU C 84 0.11 -3.50 22.48
CA LEU C 84 -0.48 -2.18 22.20
C LEU C 84 -1.98 -2.23 22.32
N GLN C 85 -2.54 -1.28 23.06
CA GLN C 85 -3.97 -1.20 23.29
C GLN C 85 -4.53 0.01 22.54
N ALA C 86 -5.83 -0.07 22.22
CA ALA C 86 -6.45 0.98 21.42
C ALA C 86 -6.25 2.37 22.05
N GLU C 87 -6.36 2.46 23.38
CA GLU C 87 -6.19 3.75 24.03
C GLU C 87 -4.74 4.18 24.17
N ASP C 88 -3.78 3.40 23.68
CA ASP C 88 -2.36 3.77 23.68
C ASP C 88 -1.96 4.63 22.49
N VAL C 89 -2.85 4.83 21.50
CA VAL C 89 -2.50 5.69 20.38
C VAL C 89 -2.15 7.07 20.93
N ALA C 90 -1.00 7.61 20.52
CA ALA C 90 -0.44 8.86 21.06
C ALA C 90 0.97 9.12 20.52
N VAL C 91 1.56 10.24 20.91
CA VAL C 91 2.96 10.58 20.63
C VAL C 91 3.77 10.38 21.91
N TYR C 92 4.90 9.71 21.80
CA TYR C 92 5.70 9.36 22.95
C TYR C 92 7.02 10.11 22.87
N TYR C 93 7.43 10.71 23.98
CA TYR C 93 8.60 11.59 24.02
C TYR C 93 9.59 11.08 25.06
N CYS C 94 10.86 10.97 24.68
CA CYS C 94 11.85 10.78 25.73
C CYS C 94 12.32 12.16 26.21
N HIS C 95 12.99 12.15 27.36
CA HIS C 95 13.25 13.39 28.10
C HIS C 95 14.49 13.14 28.94
N GLN C 96 15.46 14.06 28.90
CA GLN C 96 16.64 13.97 29.77
C GLN C 96 16.57 15.06 30.83
N TYR C 97 16.85 14.67 32.09
CA TYR C 97 17.03 15.62 33.18
C TYR C 97 18.42 15.49 33.83
N TYR C 98 19.41 15.04 33.04
CA TYR C 98 20.80 15.01 33.50
C TYR C 98 21.41 16.40 33.59
N SER C 99 21.27 17.20 32.52
CA SER C 99 21.85 18.53 32.47
C SER C 99 20.80 19.52 31.98
N SER C 100 21.09 20.81 32.23
CA SER C 100 20.34 22.01 31.85
C SER C 100 20.92 22.57 30.54
N PRO C 101 20.09 22.86 29.54
CA PRO C 101 18.62 22.80 29.52
C PRO C 101 18.05 21.38 29.53
N LEU C 102 17.01 21.12 30.32
CA LEU C 102 16.15 19.97 30.07
C LEU C 102 15.77 19.94 28.60
N THR C 103 15.82 18.75 27.99
CA THR C 103 15.44 18.62 26.59
C THR C 103 14.55 17.40 26.39
N PHE C 104 13.85 17.39 25.26
CA PHE C 104 12.90 16.35 24.91
C PHE C 104 13.25 15.85 23.52
N GLY C 105 13.02 14.55 23.30
CA GLY C 105 13.13 14.00 21.95
C GLY C 105 12.06 14.55 21.01
N GLY C 106 12.25 14.29 19.72
CA GLY C 106 11.33 14.78 18.71
C GLY C 106 9.99 14.06 18.66
N GLY C 107 9.89 12.90 19.31
CA GLY C 107 8.61 12.23 19.40
C GLY C 107 8.39 11.11 18.39
N THR C 108 7.72 10.06 18.84
CA THR C 108 7.35 8.92 18.01
C THR C 108 5.84 8.74 18.14
N LYS C 109 5.12 9.00 17.05
CA LYS C 109 3.68 8.82 16.99
C LYS C 109 3.38 7.33 16.84
N VAL C 110 2.76 6.74 17.84
CA VAL C 110 2.36 5.34 17.75
C VAL C 110 0.92 5.30 17.26
N GLU C 111 0.59 4.31 16.42
CA GLU C 111 -0.72 4.22 15.80
C GLU C 111 -1.13 2.75 15.74
N ILE C 112 -2.40 2.50 15.45
CA ILE C 112 -2.91 1.13 15.38
C ILE C 112 -3.18 0.76 13.93
N LYS C 113 -2.76 -0.46 13.56
CA LYS C 113 -3.16 -1.12 12.32
C LYS C 113 -4.30 -2.07 12.65
N ARG C 114 -5.37 -2.03 11.86
CA ARG C 114 -6.50 -2.88 12.22
C ARG C 114 -6.99 -3.66 11.01
N THR C 115 -8.30 -3.71 10.78
CA THR C 115 -8.89 -4.14 9.52
C THR C 115 -9.47 -2.93 8.82
N VAL C 116 -9.86 -3.12 7.57
CA VAL C 116 -10.54 -2.06 6.84
C VAL C 116 -11.93 -1.84 7.44
N ALA C 117 -12.36 -0.58 7.53
CA ALA C 117 -13.74 -0.23 7.88
C ALA C 117 -14.21 0.90 6.99
N ALA C 118 -15.38 0.71 6.35
CA ALA C 118 -15.99 1.72 5.49
C ALA C 118 -16.62 2.82 6.33
N PRO C 119 -16.59 4.06 5.83
CA PRO C 119 -17.24 5.15 6.55
C PRO C 119 -18.75 5.12 6.34
N SER C 120 -19.46 5.53 7.39
CA SER C 120 -20.81 6.04 7.27
C SER C 120 -20.73 7.48 6.79
N VAL C 121 -21.50 7.80 5.74
CA VAL C 121 -21.45 9.11 5.10
C VAL C 121 -22.79 9.80 5.34
N PHE C 122 -22.73 11.06 5.77
CA PHE C 122 -23.90 11.90 5.98
C PHE C 122 -23.65 13.28 5.38
N ILE C 123 -24.67 13.86 4.75
CA ILE C 123 -24.61 15.22 4.21
C ILE C 123 -25.60 16.11 4.97
N PHE C 124 -25.25 17.38 5.10
CA PHE C 124 -26.06 18.36 5.82
C PHE C 124 -26.17 19.62 4.98
N PRO C 125 -27.36 20.04 4.56
CA PRO C 125 -27.50 21.35 3.91
C PRO C 125 -27.20 22.46 4.90
N PRO C 126 -26.97 23.68 4.42
CA PRO C 126 -26.80 24.82 5.34
C PRO C 126 -28.07 25.08 6.13
N SER C 127 -27.91 25.74 7.27
CA SER C 127 -29.07 26.13 8.06
C SER C 127 -29.68 27.41 7.52
N ASP C 128 -31.02 27.52 7.66
CA ASP C 128 -31.68 28.78 7.29
C ASP C 128 -31.07 29.97 8.03
N GLU C 129 -30.55 29.76 9.23
CA GLU C 129 -29.94 30.87 9.97
C GLU C 129 -28.68 31.37 9.27
N GLN C 130 -27.81 30.44 8.87
CA GLN C 130 -26.59 30.84 8.17
C GLN C 130 -26.91 31.56 6.86
N LEU C 131 -27.86 31.01 6.09
CA LEU C 131 -28.25 31.62 4.82
C LEU C 131 -28.65 33.08 4.98
N LYS C 132 -29.27 33.43 6.12
CA LYS C 132 -29.61 34.82 6.41
C LYS C 132 -28.37 35.70 6.57
N SER C 133 -27.17 35.12 6.41
CA SER C 133 -25.92 35.84 6.64
C SER C 133 -25.02 35.93 5.42
N GLY C 134 -25.49 35.48 4.25
CA GLY C 134 -24.78 35.67 3.01
C GLY C 134 -23.91 34.50 2.56
N THR C 135 -23.73 33.49 3.40
CA THR C 135 -22.88 32.36 3.04
C THR C 135 -23.56 31.05 3.40
N ALA C 136 -23.33 30.03 2.58
CA ALA C 136 -23.80 28.69 2.85
C ALA C 136 -22.60 27.78 3.07
N SER C 137 -22.67 26.96 4.10
CA SER C 137 -21.68 25.91 4.33
C SER C 137 -22.39 24.59 4.15
N VAL C 138 -21.88 23.75 3.27
CA VAL C 138 -22.42 22.41 3.08
C VAL C 138 -21.39 21.44 3.66
N VAL C 139 -21.84 20.54 4.53
CA VAL C 139 -20.97 19.70 5.34
C VAL C 139 -21.23 18.24 4.96
N CYS C 140 -20.15 17.49 4.77
CA CYS C 140 -20.20 16.05 4.49
C CYS C 140 -19.35 15.31 5.52
N LEU C 141 -19.98 14.41 6.26
CA LEU C 141 -19.35 13.70 7.37
C LEU C 141 -19.07 12.26 6.98
N LEU C 142 -17.83 11.81 7.20
CA LEU C 142 -17.39 10.43 7.04
C LEU C 142 -17.06 9.93 8.44
N ASN C 143 -17.81 8.94 8.94
CA ASN C 143 -17.72 8.52 10.34
C ASN C 143 -17.09 7.14 10.50
N ASN C 144 -16.04 7.07 11.34
CA ASN C 144 -15.45 5.82 11.85
C ASN C 144 -15.06 4.88 10.71
N PHE C 145 -13.99 5.27 10.01
CA PHE C 145 -13.48 4.50 8.89
C PHE C 145 -12.00 4.16 9.07
N TYR C 146 -11.55 3.16 8.32
CA TYR C 146 -10.14 2.78 8.33
C TYR C 146 -9.81 2.15 6.98
N PRO C 147 -8.69 2.53 6.36
CA PRO C 147 -7.63 3.39 6.89
C PRO C 147 -7.92 4.86 6.69
N ARG C 148 -6.97 5.70 7.07
CA ARG C 148 -7.21 7.12 7.18
C ARG C 148 -7.42 7.79 5.82
N GLU C 149 -7.00 7.16 4.72
CA GLU C 149 -7.09 7.80 3.42
C GLU C 149 -8.52 7.80 2.92
N ALA C 150 -9.02 8.97 2.53
CA ALA C 150 -10.37 9.07 1.99
C ALA C 150 -10.44 10.22 0.97
N LYS C 151 -11.16 10.00 -0.12
CA LYS C 151 -11.35 11.03 -1.13
C LYS C 151 -12.80 11.46 -1.14
N VAL C 152 -13.01 12.78 -1.08
CA VAL C 152 -14.33 13.42 -1.05
C VAL C 152 -14.41 14.36 -2.26
N GLN C 153 -15.30 14.05 -3.20
CA GLN C 153 -15.64 14.99 -4.26
C GLN C 153 -17.00 15.62 -3.99
N TRP C 154 -17.08 16.93 -4.16
CA TRP C 154 -18.32 17.70 -4.08
C TRP C 154 -18.87 17.92 -5.49
N LYS C 155 -20.17 17.66 -5.69
CA LYS C 155 -20.81 17.90 -6.99
C LYS C 155 -22.04 18.77 -6.84
N VAL C 156 -22.13 19.79 -7.68
CA VAL C 156 -23.23 20.74 -7.65
C VAL C 156 -23.92 20.65 -9.02
N ASP C 157 -25.16 20.16 -9.03
CA ASP C 157 -25.85 19.90 -10.30
C ASP C 157 -25.02 19.03 -11.22
N ASN C 158 -24.33 18.05 -10.61
CA ASN C 158 -23.44 17.10 -11.28
C ASN C 158 -22.09 17.71 -11.70
N ALA C 159 -21.92 19.02 -11.56
CA ALA C 159 -20.64 19.64 -11.89
C ALA C 159 -19.65 19.43 -10.75
N LEU C 160 -18.46 18.94 -11.09
CA LEU C 160 -17.43 18.71 -10.09
C LEU C 160 -16.91 20.04 -9.52
N GLN C 161 -16.73 20.07 -8.22
CA GLN C 161 -16.28 21.27 -7.51
C GLN C 161 -14.78 21.21 -7.24
N SER C 162 -14.17 22.38 -7.26
CA SER C 162 -12.73 22.53 -7.06
C SER C 162 -12.49 23.80 -6.25
N GLY C 163 -11.38 23.82 -5.52
CA GLY C 163 -10.95 24.96 -4.73
C GLY C 163 -11.91 25.60 -3.74
N ASN C 164 -13.01 24.93 -3.39
CA ASN C 164 -13.99 25.53 -2.48
C ASN C 164 -14.36 24.63 -1.32
N SER C 165 -13.57 23.60 -1.04
CA SER C 165 -13.81 22.75 0.11
C SER C 165 -12.62 22.76 1.06
N GLN C 166 -12.88 22.56 2.35
CA GLN C 166 -11.85 22.26 3.31
C GLN C 166 -12.22 21.01 4.12
N GLU C 167 -11.19 20.34 4.61
CA GLU C 167 -11.31 19.03 5.25
C GLU C 167 -10.50 19.02 6.54
N SER C 168 -10.94 18.20 7.50
CA SER C 168 -10.12 17.93 8.67
C SER C 168 -10.48 16.55 9.18
N VAL C 169 -9.53 15.92 9.86
CA VAL C 169 -9.55 14.50 10.20
C VAL C 169 -9.21 14.36 11.67
N THR C 170 -9.98 13.55 12.39
CA THR C 170 -9.71 13.39 13.80
C THR C 170 -8.51 12.48 14.01
N GLU C 171 -7.88 12.62 15.18
CA GLU C 171 -6.94 11.61 15.65
C GLU C 171 -7.61 10.24 15.60
N GLN C 172 -6.81 9.19 15.63
CA GLN C 172 -7.34 7.83 15.63
C GLN C 172 -8.14 7.55 16.90
N ASP C 173 -9.24 6.79 16.77
CA ASP C 173 -10.20 6.65 17.87
C ASP C 173 -9.66 5.72 18.95
N SER C 174 -9.59 6.24 20.17
CA SER C 174 -9.01 5.52 21.31
C SER C 174 -9.70 4.20 21.62
N LYS C 175 -10.81 3.87 20.95
CA LYS C 175 -11.61 2.69 21.26
C LYS C 175 -11.76 1.73 20.09
N ASP C 176 -12.07 2.21 18.87
CA ASP C 176 -12.15 1.32 17.73
C ASP C 176 -11.10 1.62 16.67
N SER C 177 -10.15 2.50 16.97
CA SER C 177 -8.97 2.76 16.14
C SER C 177 -9.32 3.19 14.71
N THR C 178 -10.54 3.75 14.51
CA THR C 178 -10.92 4.33 13.23
C THR C 178 -10.59 5.83 13.21
N TYR C 179 -10.87 6.44 12.06
CA TYR C 179 -10.78 7.88 11.85
C TYR C 179 -12.13 8.40 11.38
N SER C 180 -12.31 9.71 11.48
CA SER C 180 -13.49 10.39 10.98
C SER C 180 -13.07 11.67 10.28
N LEU C 181 -13.81 12.07 9.24
CA LEU C 181 -13.47 13.21 8.41
C LEU C 181 -14.70 14.08 8.19
N SER C 182 -14.52 15.40 8.30
CA SER C 182 -15.52 16.39 7.92
C SER C 182 -15.00 17.15 6.72
N SER C 183 -15.85 17.34 5.71
CA SER C 183 -15.50 18.19 4.57
C SER C 183 -16.57 19.25 4.41
N THR C 184 -16.13 20.49 4.18
CA THR C 184 -16.98 21.67 4.21
C THR C 184 -16.92 22.39 2.87
N LEU C 185 -18.07 22.52 2.20
CA LEU C 185 -18.20 23.23 0.93
C LEU C 185 -18.74 24.64 1.19
N THR C 186 -17.98 25.66 0.81
CA THR C 186 -18.41 27.03 1.02
C THR C 186 -18.80 27.68 -0.29
N LEU C 187 -20.01 28.25 -0.34
CA LEU C 187 -20.49 29.08 -1.44
C LEU C 187 -21.11 30.34 -0.88
N SER C 188 -21.41 31.28 -1.76
CA SER C 188 -22.29 32.37 -1.36
C SER C 188 -23.73 31.88 -1.30
N LYS C 189 -24.53 32.56 -0.48
CA LYS C 189 -25.98 32.44 -0.51
C LYS C 189 -26.51 32.39 -1.94
N ALA C 190 -25.83 33.13 -2.84
CA ALA C 190 -26.33 33.38 -4.18
C ALA C 190 -26.04 32.22 -5.12
N ASP C 191 -24.83 31.64 -5.03
CA ASP C 191 -24.58 30.41 -5.78
C ASP C 191 -25.41 29.27 -5.21
N TYR C 192 -25.43 29.16 -3.89
CA TYR C 192 -26.16 28.07 -3.25
C TYR C 192 -27.61 28.02 -3.71
N GLU C 193 -28.32 29.16 -3.67
CA GLU C 193 -29.74 29.20 -4.05
C GLU C 193 -29.99 29.05 -5.55
N LYS C 194 -28.95 29.07 -6.38
CA LYS C 194 -29.07 28.93 -7.83
C LYS C 194 -29.05 27.48 -8.30
N HIS C 195 -28.63 26.54 -7.44
CA HIS C 195 -28.41 25.16 -7.82
C HIS C 195 -29.23 24.21 -6.94
N LYS C 196 -29.69 23.11 -7.54
CA LYS C 196 -30.63 22.21 -6.88
C LYS C 196 -29.92 21.06 -6.15
N VAL C 197 -29.18 20.23 -6.88
CA VAL C 197 -28.65 18.97 -6.36
C VAL C 197 -27.25 19.19 -5.78
N TYR C 198 -27.09 18.85 -4.50
CA TYR C 198 -25.81 18.94 -3.80
C TYR C 198 -25.37 17.55 -3.40
N ALA C 199 -24.14 17.17 -3.74
CA ALA C 199 -23.73 15.78 -3.57
C ALA C 199 -22.27 15.70 -3.13
N CYS C 200 -21.99 14.89 -2.10
CA CYS C 200 -20.62 14.58 -1.73
C CYS C 200 -20.36 13.10 -2.05
N GLU C 201 -19.33 12.85 -2.84
CA GLU C 201 -19.02 11.51 -3.31
C GLU C 201 -17.77 11.04 -2.59
N VAL C 202 -17.87 9.89 -1.91
CA VAL C 202 -16.81 9.39 -1.06
C VAL C 202 -16.21 8.17 -1.75
N THR C 203 -14.88 8.15 -1.88
CA THR C 203 -14.13 6.97 -2.33
C THR C 203 -13.19 6.53 -1.23
N HIS C 204 -13.34 5.29 -0.78
CA HIS C 204 -12.58 4.77 0.35
C HIS C 204 -12.31 3.28 0.16
N GLN C 205 -11.24 2.78 0.81
CA GLN C 205 -10.85 1.38 0.69
C GLN C 205 -12.03 0.43 0.94
N GLY C 206 -12.77 0.66 2.02
CA GLY C 206 -13.85 -0.24 2.41
C GLY C 206 -15.08 -0.20 1.51
N LEU C 207 -15.16 0.74 0.59
CA LEU C 207 -16.32 0.86 -0.31
C LEU C 207 -15.87 0.40 -1.69
N SER C 208 -16.38 -0.77 -2.12
CA SER C 208 -16.03 -1.27 -3.45
C SER C 208 -16.30 -0.21 -4.51
N SER C 209 -17.48 0.39 -4.45
CA SER C 209 -17.83 1.51 -5.32
C SER C 209 -18.01 2.77 -4.47
N PRO C 210 -17.80 3.97 -5.03
CA PRO C 210 -17.98 5.18 -4.22
C PRO C 210 -19.42 5.33 -3.77
N VAL C 211 -19.59 5.98 -2.61
CA VAL C 211 -20.89 6.31 -2.06
C VAL C 211 -21.13 7.80 -2.30
N THR C 212 -22.31 8.16 -2.79
CA THR C 212 -22.69 9.55 -2.90
C THR C 212 -23.97 9.78 -2.12
N LYS C 213 -23.90 10.71 -1.17
CA LYS C 213 -25.05 11.23 -0.44
C LYS C 213 -25.31 12.62 -1.00
N SER C 214 -26.59 12.95 -1.17
CA SER C 214 -26.96 14.19 -1.84
C SER C 214 -28.30 14.66 -1.29
N PHE C 215 -28.63 15.91 -1.58
CA PHE C 215 -29.95 16.43 -1.25
C PHE C 215 -30.37 17.41 -2.33
N ASN C 216 -31.70 17.53 -2.50
CA ASN C 216 -32.30 18.54 -3.35
C ASN C 216 -32.70 19.73 -2.46
N ARG C 217 -32.18 20.91 -2.78
CA ARG C 217 -32.41 22.11 -1.98
C ARG C 217 -33.88 22.50 -1.98
N GLN D 1 -5.39 15.14 44.63
CA GLN D 1 -6.09 15.96 43.65
C GLN D 1 -5.36 17.29 43.44
N VAL D 2 -4.04 17.20 43.27
CA VAL D 2 -3.27 18.37 42.86
C VAL D 2 -3.76 18.80 41.47
N GLN D 3 -3.62 20.10 41.17
CA GLN D 3 -4.27 20.67 39.99
C GLN D 3 -3.54 21.95 39.59
N LEU D 4 -3.02 21.99 38.35
CA LEU D 4 -2.41 23.17 37.77
C LEU D 4 -3.38 23.79 36.76
N VAL D 5 -3.86 25.01 37.02
CA VAL D 5 -4.91 25.61 36.22
C VAL D 5 -4.39 26.91 35.60
N GLN D 6 -4.26 26.94 34.27
CA GLN D 6 -3.67 28.05 33.56
C GLN D 6 -4.73 29.06 33.12
N SER D 7 -4.29 30.28 32.78
CA SER D 7 -5.17 31.31 32.22
C SER D 7 -5.50 31.02 30.76
N GLY D 8 -6.42 31.82 30.19
CA GLY D 8 -7.06 31.47 28.94
C GLY D 8 -6.28 31.86 27.70
N ALA D 9 -6.74 31.36 26.54
CA ALA D 9 -6.03 31.63 25.30
C ALA D 9 -6.09 33.11 24.96
N GLU D 10 -5.06 33.56 24.25
CA GLU D 10 -4.80 34.98 23.98
C GLU D 10 -4.22 35.11 22.57
N VAL D 11 -4.45 36.25 21.96
CA VAL D 11 -3.69 36.70 20.80
C VAL D 11 -2.94 37.97 21.20
N LYS D 12 -1.73 38.11 20.70
CA LYS D 12 -0.94 39.32 20.84
C LYS D 12 -0.19 39.53 19.54
N LYS D 13 0.28 40.76 19.30
CA LYS D 13 0.80 41.05 17.97
C LYS D 13 2.33 41.00 17.98
N PRO D 14 2.97 40.85 16.82
CA PRO D 14 4.43 40.78 16.80
C PRO D 14 5.03 41.96 17.55
N GLY D 15 5.92 41.65 18.49
CA GLY D 15 6.62 42.66 19.24
C GLY D 15 6.02 43.02 20.57
N ALA D 16 4.77 42.62 20.82
CA ALA D 16 4.17 42.81 22.14
C ALA D 16 4.66 41.71 23.08
N SER D 17 4.12 41.71 24.30
CA SER D 17 4.43 40.68 25.28
C SER D 17 3.14 39.98 25.69
N VAL D 18 3.28 38.73 26.15
CA VAL D 18 2.20 37.92 26.69
C VAL D 18 2.59 37.54 28.11
N LYS D 19 1.58 37.24 28.93
CA LYS D 19 1.82 36.78 30.30
C LYS D 19 0.72 35.80 30.66
N VAL D 20 1.13 34.60 31.10
CA VAL D 20 0.24 33.48 31.38
C VAL D 20 0.34 33.14 32.86
N SER D 21 -0.77 32.77 33.47
CA SER D 21 -0.75 32.44 34.89
C SER D 21 -1.03 30.95 35.09
N CYS D 22 -0.71 30.47 36.29
CA CYS D 22 -0.71 29.03 36.60
C CYS D 22 -1.07 28.87 38.08
N LYS D 23 -2.36 28.67 38.34
CA LYS D 23 -2.89 28.59 39.71
C LYS D 23 -2.68 27.16 40.18
N ALA D 24 -1.76 26.96 41.13
CA ALA D 24 -1.34 25.64 41.58
C ALA D 24 -2.00 25.33 42.93
N SER D 25 -2.79 24.26 42.98
CA SER D 25 -3.63 24.04 44.15
C SER D 25 -3.58 22.58 44.54
N GLY D 26 -3.87 22.31 45.82
CA GLY D 26 -3.94 20.96 46.34
C GLY D 26 -2.70 20.44 47.05
N TYR D 27 -1.65 21.26 47.18
CA TYR D 27 -0.40 20.88 47.85
C TYR D 27 0.22 22.14 48.48
N THR D 28 1.37 21.95 49.16
CA THR D 28 2.12 23.08 49.73
C THR D 28 2.88 23.78 48.60
N PHE D 29 2.39 24.95 48.19
CA PHE D 29 2.90 25.66 47.01
C PHE D 29 4.41 25.83 47.03
N THR D 30 4.99 26.19 48.19
CA THR D 30 6.41 26.56 48.33
C THR D 30 7.37 25.38 48.25
N SER D 31 6.91 24.16 48.05
CA SER D 31 7.74 22.97 48.18
C SER D 31 8.45 22.55 46.89
N TYR D 32 8.03 23.03 45.71
CA TYR D 32 8.49 22.48 44.44
C TYR D 32 8.69 23.56 43.39
N ALA D 33 9.65 23.35 42.50
CA ALA D 33 9.79 24.18 41.32
C ALA D 33 8.71 23.89 40.28
N ILE D 34 8.15 24.97 39.73
CA ILE D 34 7.17 24.94 38.65
C ILE D 34 7.90 25.32 37.36
N HIS D 35 7.83 24.47 36.33
CA HIS D 35 8.49 24.69 35.05
C HIS D 35 7.51 25.19 34.00
N TRP D 36 8.06 25.88 33.00
CA TRP D 36 7.29 26.27 31.82
C TRP D 36 7.85 25.55 30.59
N VAL D 37 6.95 24.98 29.80
CA VAL D 37 7.29 24.14 28.65
C VAL D 37 6.32 24.48 27.53
N ARG D 38 6.82 24.64 26.31
CA ARG D 38 5.95 24.98 25.18
C ARG D 38 6.07 23.96 24.06
N GLN D 39 5.09 24.03 23.16
CA GLN D 39 4.97 23.16 22.00
C GLN D 39 4.47 24.05 20.86
N ALA D 40 5.30 24.28 19.86
CA ALA D 40 4.83 24.97 18.68
C ALA D 40 4.04 23.97 17.82
N PRO D 41 3.26 24.46 16.84
CA PRO D 41 2.39 23.53 16.09
C PRO D 41 3.16 22.46 15.35
N GLY D 42 2.91 21.21 15.72
CA GLY D 42 3.59 20.05 15.18
C GLY D 42 4.94 19.74 15.80
N GLN D 43 5.35 20.47 16.85
CA GLN D 43 6.74 20.46 17.28
C GLN D 43 6.93 19.74 18.59
N ARG D 44 8.20 19.61 18.99
CA ARG D 44 8.45 18.90 20.23
C ARG D 44 8.28 19.84 21.43
N LEU D 45 8.06 19.23 22.58
CA LEU D 45 8.11 19.96 23.83
C LEU D 45 9.47 20.64 23.96
N GLU D 46 9.48 21.83 24.58
CA GLU D 46 10.72 22.61 24.75
C GLU D 46 10.69 23.39 26.06
N TRP D 47 11.57 23.00 26.98
CA TRP D 47 11.69 23.66 28.27
C TRP D 47 12.15 25.11 28.12
N MET D 48 11.55 25.99 28.91
CA MET D 48 11.83 27.42 28.89
C MET D 48 12.49 27.93 30.16
N GLY D 49 11.99 27.48 31.30
CA GLY D 49 12.61 27.77 32.59
C GLY D 49 11.80 27.14 33.70
N TRP D 50 12.34 27.24 34.91
CA TRP D 50 11.65 26.89 36.13
C TRP D 50 11.73 28.03 37.13
N ILE D 51 10.90 27.93 38.16
CA ILE D 51 10.91 28.86 39.28
C ILE D 51 10.77 28.02 40.53
N LYS D 52 11.57 28.31 41.54
CA LYS D 52 11.36 27.74 42.87
C LYS D 52 10.24 28.52 43.54
N ALA D 53 9.17 27.83 43.93
CA ALA D 53 7.99 28.53 44.44
C ALA D 53 8.18 29.06 45.86
N GLY D 54 9.13 28.51 46.62
CA GLY D 54 9.51 29.16 47.87
C GLY D 54 10.30 30.44 47.66
N ASN D 55 11.59 30.35 47.27
CA ASN D 55 12.44 31.54 47.26
C ASN D 55 12.34 32.37 45.98
N GLY D 56 11.63 31.90 44.95
CA GLY D 56 11.48 32.70 43.74
C GLY D 56 12.69 32.70 42.84
N ASN D 57 13.65 31.83 43.08
CA ASN D 57 14.81 31.71 42.22
C ASN D 57 14.39 31.10 40.90
N THR D 58 15.03 31.53 39.81
CA THR D 58 14.65 31.09 38.48
C THR D 58 15.87 30.60 37.70
N ARG D 59 15.61 29.77 36.70
CA ARG D 59 16.61 29.39 35.71
C ARG D 59 15.90 29.21 34.38
N TYR D 60 16.29 30.01 33.39
CA TYR D 60 15.72 30.02 32.05
C TYR D 60 16.67 29.35 31.07
N SER D 61 16.11 28.74 30.02
CA SER D 61 16.99 28.24 28.96
C SER D 61 17.71 29.41 28.32
N GLN D 62 18.97 29.18 27.95
CA GLN D 62 19.75 30.18 27.23
C GLN D 62 18.94 30.81 26.08
N LYS D 63 18.17 30.00 25.34
CA LYS D 63 17.38 30.53 24.24
C LYS D 63 16.48 31.69 24.65
N PHE D 64 15.93 31.64 25.88
CA PHE D 64 14.85 32.54 26.28
C PHE D 64 15.24 33.53 27.38
N GLN D 65 16.39 33.34 28.04
CA GLN D 65 16.86 34.25 29.08
C GLN D 65 16.90 35.69 28.57
N ASP D 66 16.79 35.85 27.25
CA ASP D 66 16.72 37.14 26.59
C ASP D 66 15.42 37.88 26.94
N ARG D 67 14.32 37.16 27.04
CA ARG D 67 13.01 37.82 27.01
C ARG D 67 11.92 37.13 27.83
N VAL D 68 12.23 36.09 28.60
CA VAL D 68 11.23 35.41 29.43
C VAL D 68 11.42 35.87 30.87
N THR D 69 10.31 36.00 31.59
CA THR D 69 10.34 36.29 33.01
C THR D 69 9.34 35.39 33.71
N ILE D 70 9.80 34.55 34.64
CA ILE D 70 8.91 33.72 35.44
C ILE D 70 8.86 34.29 36.87
N THR D 71 7.66 34.51 37.38
CA THR D 71 7.45 35.01 38.72
C THR D 71 6.43 34.14 39.43
N ARG D 72 6.30 34.36 40.74
CA ARG D 72 5.36 33.60 41.55
C ARG D 72 4.80 34.49 42.66
N ASP D 73 3.51 34.29 42.95
CA ASP D 73 2.82 34.93 44.07
C ASP D 73 2.31 33.81 44.97
N THR D 74 3.00 33.56 46.09
CA THR D 74 2.69 32.41 46.93
C THR D 74 1.41 32.60 47.71
N SER D 75 1.07 33.84 48.06
CA SER D 75 -0.23 34.11 48.66
C SER D 75 -1.36 33.73 47.72
N ALA D 76 -1.14 33.84 46.41
CA ALA D 76 -2.11 33.42 45.42
C ALA D 76 -1.89 31.99 44.93
N SER D 77 -0.78 31.35 45.31
CA SER D 77 -0.45 29.98 44.87
C SER D 77 -0.43 29.89 43.34
N THR D 78 0.14 30.91 42.71
CA THR D 78 0.10 31.09 41.27
C THR D 78 1.50 31.40 40.76
N ALA D 79 1.85 30.83 39.60
CA ALA D 79 3.10 31.15 38.90
C ALA D 79 2.79 31.85 37.59
N TYR D 80 3.74 32.67 37.11
CA TYR D 80 3.56 33.47 35.90
C TYR D 80 4.77 33.37 34.99
N MET D 81 4.52 33.25 33.70
CA MET D 81 5.54 33.31 32.66
C MET D 81 5.18 34.49 31.76
N GLU D 82 6.11 35.44 31.58
CA GLU D 82 5.92 36.60 30.69
C GLU D 82 6.97 36.55 29.58
N LEU D 83 6.52 36.46 28.32
CA LEU D 83 7.42 36.34 27.18
C LEU D 83 7.24 37.58 26.32
N SER D 84 8.31 38.34 26.15
CA SER D 84 8.25 39.62 25.46
C SER D 84 8.82 39.52 24.06
N SER D 85 8.70 40.60 23.30
CA SER D 85 9.17 40.68 21.91
C SER D 85 8.63 39.52 21.07
N LEU D 86 7.31 39.30 21.16
CA LEU D 86 6.69 38.14 20.52
C LEU D 86 6.86 38.15 19.00
N ARG D 87 6.96 36.94 18.46
CA ARG D 87 7.32 36.67 17.08
C ARG D 87 6.55 35.43 16.63
N SER D 88 6.37 35.27 15.31
CA SER D 88 5.47 34.24 14.77
C SER D 88 5.83 32.83 15.25
N GLU D 89 7.11 32.58 15.49
CA GLU D 89 7.61 31.33 16.04
C GLU D 89 7.23 31.12 17.49
N ASP D 90 6.69 32.13 18.15
CA ASP D 90 6.23 32.00 19.53
C ASP D 90 4.80 31.49 19.65
N THR D 91 4.05 31.43 18.53
CA THR D 91 2.69 30.90 18.54
C THR D 91 2.73 29.41 18.90
N ALA D 92 2.07 29.03 20.00
CA ALA D 92 2.37 27.76 20.65
C ALA D 92 1.39 27.53 21.80
N VAL D 93 1.40 26.29 22.29
CA VAL D 93 0.75 25.94 23.55
C VAL D 93 1.79 26.04 24.66
N TYR D 94 1.48 26.75 25.73
CA TYR D 94 2.42 26.95 26.82
C TYR D 94 1.90 26.18 28.03
N TYR D 95 2.71 25.30 28.59
CA TYR D 95 2.33 24.57 29.80
C TYR D 95 3.17 25.03 30.99
N CYS D 96 2.55 25.01 32.17
CA CYS D 96 3.28 24.97 33.44
C CYS D 96 3.24 23.55 33.99
N ALA D 97 4.28 23.16 34.75
CA ALA D 97 4.38 21.75 35.13
C ALA D 97 5.25 21.53 36.36
N LEU D 98 4.81 20.61 37.20
CA LEU D 98 5.63 20.08 38.27
C LEU D 98 6.38 18.90 37.68
N LEU D 99 7.39 19.24 36.85
CA LEU D 99 8.13 18.21 36.14
C LEU D 99 8.79 17.28 37.15
N THR D 100 8.66 15.97 36.91
CA THR D 100 9.33 14.88 37.63
C THR D 100 9.81 15.27 39.04
N VAL D 101 8.88 15.37 39.99
CA VAL D 101 9.20 15.47 41.41
C VAL D 101 9.45 14.04 41.90
N ILE D 102 10.72 13.64 41.93
CA ILE D 102 11.09 12.27 42.28
C ILE D 102 11.55 12.27 43.73
N ARG D 103 10.73 11.71 44.62
CA ARG D 103 10.88 11.91 46.05
C ARG D 103 11.14 10.58 46.74
N GLN D 104 11.20 10.65 48.08
CA GLN D 104 11.58 9.55 48.96
C GLN D 104 11.01 8.21 48.50
N ASP D 105 9.70 8.00 48.68
CA ASP D 105 9.04 6.79 48.21
C ASP D 105 7.83 7.09 47.33
N ASP D 106 7.71 8.32 46.86
CA ASP D 106 6.72 8.70 45.87
C ASP D 106 7.44 9.45 44.76
N THR D 107 6.86 9.42 43.57
CA THR D 107 7.24 10.29 42.47
C THR D 107 5.96 10.75 41.80
N PHE D 108 5.89 12.02 41.41
CA PHE D 108 4.71 12.55 40.74
C PHE D 108 5.10 13.64 39.75
N ASP D 109 4.20 13.90 38.80
CA ASP D 109 4.50 14.76 37.67
C ASP D 109 3.17 15.30 37.15
N ILE D 110 2.92 16.60 37.36
CA ILE D 110 1.65 17.25 37.05
C ILE D 110 1.90 18.40 36.09
N TRP D 111 0.93 18.62 35.18
CA TRP D 111 0.97 19.64 34.14
C TRP D 111 -0.33 20.45 34.12
N GLY D 112 -0.21 21.74 33.85
CA GLY D 112 -1.38 22.56 33.56
C GLY D 112 -2.09 22.07 32.31
N GLN D 113 -3.24 22.68 32.01
CA GLN D 113 -3.98 22.26 30.83
C GLN D 113 -3.45 22.92 29.55
N GLY D 114 -2.51 23.86 29.66
CA GLY D 114 -1.95 24.53 28.51
C GLY D 114 -2.64 25.87 28.23
N THR D 115 -1.91 26.76 27.59
CA THR D 115 -2.49 28.02 27.12
C THR D 115 -2.00 28.28 25.71
N MET D 116 -2.94 28.39 24.77
CA MET D 116 -2.56 28.71 23.39
C MET D 116 -2.28 30.20 23.26
N VAL D 117 -1.07 30.54 22.83
CA VAL D 117 -0.69 31.93 22.55
C VAL D 117 -0.54 32.05 21.03
N THR D 118 -1.39 32.86 20.40
CA THR D 118 -1.28 33.13 18.97
C THR D 118 -0.67 34.51 18.74
N VAL D 119 0.41 34.56 17.96
CA VAL D 119 1.11 35.80 17.65
C VAL D 119 0.59 36.27 16.30
N SER D 120 -0.28 37.28 16.31
CA SER D 120 -0.97 37.71 15.12
C SER D 120 -1.38 39.16 15.26
N SER D 121 -1.33 39.89 14.15
CA SER D 121 -1.81 41.27 14.10
C SER D 121 -3.25 41.35 13.62
N ALA D 122 -4.06 40.41 14.05
CA ALA D 122 -5.46 40.32 13.68
C ALA D 122 -6.29 40.32 14.96
N SER D 123 -7.59 40.61 14.81
CA SER D 123 -8.44 40.90 15.95
C SER D 123 -9.30 39.70 16.35
N THR D 124 -9.50 39.54 17.65
CA THR D 124 -10.34 38.48 18.17
C THR D 124 -11.74 38.55 17.55
N LYS D 125 -12.26 37.40 17.13
CA LYS D 125 -13.59 37.34 16.54
C LYS D 125 -14.30 36.09 17.05
N GLY D 126 -15.55 36.28 17.50
CA GLY D 126 -16.31 35.22 18.12
C GLY D 126 -17.05 34.37 17.11
N PRO D 127 -17.28 33.11 17.46
CA PRO D 127 -17.91 32.17 16.53
C PRO D 127 -19.42 32.37 16.36
N SER D 128 -19.88 32.09 15.13
CA SER D 128 -21.27 31.75 14.83
C SER D 128 -21.45 30.25 14.99
N VAL D 129 -22.62 29.85 15.48
CA VAL D 129 -22.90 28.43 15.69
C VAL D 129 -24.16 28.05 14.92
N PHE D 130 -24.02 27.08 14.01
CA PHE D 130 -25.12 26.62 13.19
C PHE D 130 -25.43 25.16 13.50
N PRO D 131 -26.68 24.72 13.30
CA PRO D 131 -27.01 23.31 13.52
C PRO D 131 -26.77 22.46 12.28
N LEU D 132 -26.39 21.21 12.53
CA LEU D 132 -26.33 20.16 11.50
C LEU D 132 -27.52 19.25 11.77
N ALA D 133 -28.66 19.57 11.17
CA ALA D 133 -29.89 18.87 11.55
C ALA D 133 -29.85 17.42 11.10
N PRO D 134 -30.37 16.49 11.88
CA PRO D 134 -30.54 15.12 11.40
C PRO D 134 -31.86 14.96 10.66
N SER D 135 -31.94 13.90 9.87
CA SER D 135 -33.18 13.48 9.23
C SER D 135 -33.95 12.57 10.18
N SER D 136 -35.22 12.91 10.42
CA SER D 136 -36.00 12.22 11.45
C SER D 136 -36.59 10.90 10.98
N LYS D 137 -36.68 10.68 9.68
CA LYS D 137 -37.31 9.48 9.14
C LYS D 137 -36.49 8.23 9.47
N SER D 138 -37.10 7.07 9.24
CA SER D 138 -36.49 5.78 9.54
C SER D 138 -35.74 5.27 8.32
N THR D 139 -34.44 5.06 8.46
CA THR D 139 -33.61 4.48 7.41
C THR D 139 -33.55 2.97 7.57
N SER D 140 -32.91 2.31 6.60
CA SER D 140 -32.69 0.87 6.75
C SER D 140 -31.66 0.57 7.82
N GLY D 141 -30.78 1.52 8.13
CA GLY D 141 -29.73 1.32 9.11
C GLY D 141 -30.09 1.77 10.52
N GLY D 142 -30.75 2.92 10.62
CA GLY D 142 -31.35 3.35 11.87
C GLY D 142 -30.54 4.33 12.69
N THR D 143 -29.29 4.58 12.35
CA THR D 143 -28.52 5.64 13.00
C THR D 143 -28.58 6.93 12.23
N ALA D 144 -28.79 8.02 12.96
CA ALA D 144 -28.73 9.37 12.41
C ALA D 144 -27.50 10.09 12.95
N ALA D 145 -26.99 11.04 12.19
CA ALA D 145 -25.94 11.94 12.65
C ALA D 145 -26.49 13.36 12.73
N LEU D 146 -26.01 14.12 13.72
CA LEU D 146 -26.30 15.54 13.88
C LEU D 146 -25.02 16.22 14.34
N GLY D 147 -25.06 17.55 14.47
CA GLY D 147 -23.95 18.25 15.07
C GLY D 147 -24.13 19.75 15.00
N CYS D 148 -23.00 20.45 15.16
CA CYS D 148 -22.95 21.90 15.12
C CYS D 148 -21.74 22.33 14.30
N LEU D 149 -21.91 23.42 13.56
CA LEU D 149 -20.84 24.06 12.80
C LEU D 149 -20.49 25.39 13.48
N VAL D 150 -19.25 25.50 13.92
CA VAL D 150 -18.73 26.62 14.71
C VAL D 150 -17.83 27.44 13.78
N LYS D 151 -18.38 28.50 13.21
CA LYS D 151 -17.78 29.11 12.03
C LYS D 151 -17.27 30.50 12.34
N ASP D 152 -16.11 30.83 11.73
CA ASP D 152 -15.61 32.19 11.65
C ASP D 152 -15.18 32.72 13.02
N TYR D 153 -14.20 32.08 13.67
CA TYR D 153 -13.67 32.57 14.93
C TYR D 153 -12.16 32.76 14.86
N PHE D 154 -11.66 33.61 15.77
CA PHE D 154 -10.23 33.91 15.88
C PHE D 154 -9.94 34.49 17.26
N PRO D 155 -8.90 34.02 17.94
CA PRO D 155 -8.00 32.95 17.54
C PRO D 155 -8.46 31.58 18.06
N GLU D 156 -7.57 30.60 18.03
CA GLU D 156 -7.84 29.29 18.61
C GLU D 156 -7.70 29.33 20.12
N PRO D 157 -8.36 28.39 20.84
CA PRO D 157 -9.31 27.37 20.36
C PRO D 157 -10.75 27.66 20.73
N VAL D 158 -11.68 26.79 20.31
CA VAL D 158 -13.02 26.70 20.89
C VAL D 158 -13.08 25.40 21.68
N THR D 159 -14.02 25.34 22.64
CA THR D 159 -14.41 24.08 23.27
C THR D 159 -15.79 23.67 22.78
N VAL D 160 -16.00 22.37 22.62
CA VAL D 160 -17.33 21.83 22.40
C VAL D 160 -17.61 20.74 23.42
N SER D 161 -18.80 20.76 24.01
CA SER D 161 -19.37 19.62 24.69
C SER D 161 -20.81 19.46 24.22
N TRP D 162 -21.45 18.36 24.64
CA TRP D 162 -22.81 18.02 24.22
C TRP D 162 -23.65 17.74 25.46
N ASN D 163 -24.82 18.37 25.50
CA ASN D 163 -25.70 18.36 26.68
C ASN D 163 -24.90 18.55 27.97
N SER D 164 -24.12 19.63 28.00
CA SER D 164 -23.32 20.03 29.16
C SER D 164 -22.49 18.87 29.71
N GLY D 165 -21.86 18.11 28.80
CA GLY D 165 -21.05 16.97 29.17
C GLY D 165 -21.81 15.67 29.39
N ALA D 166 -23.15 15.69 29.40
CA ALA D 166 -23.90 14.46 29.65
C ALA D 166 -23.79 13.47 28.50
N LEU D 167 -23.32 13.94 27.34
CA LEU D 167 -23.26 13.18 26.09
C LEU D 167 -21.81 13.18 25.61
N THR D 168 -21.16 12.01 25.63
CA THR D 168 -19.78 11.86 25.18
C THR D 168 -19.60 10.77 24.14
N SER D 169 -20.35 9.67 24.22
CA SER D 169 -20.12 8.54 23.34
C SER D 169 -20.64 8.84 21.94
N GLY D 170 -19.84 8.57 20.92
CA GLY D 170 -20.21 8.86 19.55
C GLY D 170 -19.97 10.27 19.08
N VAL D 171 -19.30 11.12 19.88
CA VAL D 171 -19.02 12.48 19.48
C VAL D 171 -17.67 12.56 18.78
N HIS D 172 -17.61 13.28 17.66
CA HIS D 172 -16.33 13.69 17.09
C HIS D 172 -16.31 15.22 16.94
N THR D 173 -15.37 15.87 17.61
CA THR D 173 -15.09 17.28 17.42
C THR D 173 -13.82 17.41 16.60
N PHE D 174 -13.95 17.97 15.39
CA PHE D 174 -12.87 17.90 14.41
C PHE D 174 -11.85 19.00 14.64
N PRO D 175 -10.61 18.82 14.16
CA PRO D 175 -9.66 19.92 14.18
C PRO D 175 -10.17 21.12 13.41
N ALA D 176 -9.79 22.31 13.90
CA ALA D 176 -10.16 23.56 13.26
C ALA D 176 -9.35 23.73 11.98
N VAL D 177 -10.02 24.19 10.93
CA VAL D 177 -9.39 24.51 9.66
C VAL D 177 -9.38 26.02 9.51
N LEU D 178 -8.24 26.57 9.08
CA LEU D 178 -8.14 28.01 8.83
C LEU D 178 -8.65 28.29 7.42
N GLN D 179 -9.77 29.00 7.32
CA GLN D 179 -10.30 29.43 6.03
C GLN D 179 -9.46 30.57 5.44
N SER D 180 -9.65 30.81 4.13
CA SER D 180 -8.91 31.85 3.42
C SER D 180 -9.21 33.25 3.91
N SER D 181 -10.27 33.42 4.70
CA SER D 181 -10.54 34.72 5.32
C SER D 181 -9.58 35.02 6.47
N GLY D 182 -8.87 34.00 6.97
CA GLY D 182 -8.09 34.12 8.18
C GLY D 182 -8.85 33.77 9.45
N LEU D 183 -10.09 33.30 9.33
CA LEU D 183 -10.90 32.88 10.46
C LEU D 183 -10.96 31.35 10.50
N TYR D 184 -11.06 30.80 11.72
CA TYR D 184 -11.14 29.36 11.93
C TYR D 184 -12.57 28.86 11.89
N SER D 185 -12.72 27.59 11.51
CA SER D 185 -14.03 26.96 11.44
C SER D 185 -13.84 25.48 11.79
N LEU D 186 -14.79 24.92 12.55
CA LEU D 186 -14.84 23.48 12.77
C LEU D 186 -16.29 23.05 12.94
N SER D 187 -16.49 21.73 12.92
CA SER D 187 -17.76 21.11 13.27
C SER D 187 -17.54 20.06 14.35
N SER D 188 -18.58 19.81 15.14
CA SER D 188 -18.64 18.73 16.12
C SER D 188 -19.91 17.93 15.81
N VAL D 189 -19.80 16.59 15.81
CA VAL D 189 -20.89 15.71 15.37
C VAL D 189 -21.09 14.60 16.40
N VAL D 190 -22.26 13.95 16.33
CA VAL D 190 -22.61 12.80 17.16
C VAL D 190 -23.59 11.91 16.38
N THR D 191 -23.38 10.59 16.46
CA THR D 191 -24.29 9.63 15.87
C THR D 191 -25.19 9.04 16.96
N VAL D 192 -26.49 9.04 16.69
CA VAL D 192 -27.49 8.57 17.64
C VAL D 192 -28.50 7.72 16.91
N PRO D 193 -29.07 6.72 17.59
CA PRO D 193 -30.25 6.03 17.03
C PRO D 193 -31.27 7.07 16.55
N SER D 194 -31.86 6.81 15.38
CA SER D 194 -32.83 7.77 14.84
C SER D 194 -34.03 7.95 15.75
N SER D 195 -34.39 6.92 16.52
CA SER D 195 -35.59 7.01 17.34
C SER D 195 -35.42 7.94 18.53
N SER D 196 -34.21 8.41 18.83
CA SER D 196 -34.06 9.41 19.88
C SER D 196 -34.28 10.83 19.38
N LEU D 197 -34.79 11.01 18.15
CA LEU D 197 -34.71 12.32 17.49
C LEU D 197 -35.89 13.23 17.80
N GLY D 198 -37.07 12.68 18.10
CA GLY D 198 -38.15 13.54 18.54
C GLY D 198 -38.03 13.89 20.01
N THR D 199 -37.52 12.96 20.82
CA THR D 199 -37.71 12.89 22.26
C THR D 199 -36.50 13.38 23.06
N GLN D 200 -35.30 12.89 22.74
CA GLN D 200 -34.09 13.36 23.41
C GLN D 200 -33.65 14.70 22.84
N THR D 201 -33.24 15.59 23.73
CA THR D 201 -32.71 16.89 23.36
C THR D 201 -31.20 16.78 23.12
N TYR D 202 -30.71 17.48 22.09
CA TYR D 202 -29.29 17.57 21.78
C TYR D 202 -28.88 19.04 21.68
N ILE D 203 -27.88 19.44 22.47
CA ILE D 203 -27.40 20.81 22.60
C ILE D 203 -25.87 20.78 22.58
N CYS D 204 -25.26 21.52 21.66
CA CYS D 204 -23.82 21.72 21.70
C CYS D 204 -23.50 22.97 22.54
N ASN D 205 -22.58 22.82 23.48
CA ASN D 205 -22.10 23.92 24.31
C ASN D 205 -20.80 24.43 23.69
N VAL D 206 -20.85 25.60 23.07
CA VAL D 206 -19.70 26.19 22.38
C VAL D 206 -19.16 27.35 23.22
N ASN D 207 -17.85 27.29 23.51
CA ASN D 207 -17.16 28.32 24.28
C ASN D 207 -15.88 28.71 23.55
N HIS D 208 -15.67 30.02 23.38
CA HIS D 208 -14.48 30.61 22.78
C HIS D 208 -14.02 31.67 23.79
N LYS D 209 -13.18 31.26 24.73
CA LYS D 209 -12.74 32.19 25.78
C LYS D 209 -12.27 33.54 25.23
N PRO D 210 -11.33 33.61 24.26
CA PRO D 210 -10.77 34.92 23.89
C PRO D 210 -11.77 35.99 23.54
N SER D 211 -12.91 35.66 22.91
CA SER D 211 -13.93 36.64 22.61
C SER D 211 -15.06 36.63 23.62
N ASN D 212 -14.90 35.90 24.72
CA ASN D 212 -15.91 35.84 25.78
C ASN D 212 -17.25 35.38 25.23
N THR D 213 -17.21 34.49 24.25
CA THR D 213 -18.42 33.95 23.62
C THR D 213 -18.75 32.59 24.23
N LYS D 214 -20.01 32.42 24.58
CA LYS D 214 -20.54 31.16 25.10
C LYS D 214 -21.89 30.99 24.46
N VAL D 215 -22.10 29.87 23.78
CA VAL D 215 -23.32 29.65 22.99
C VAL D 215 -23.79 28.21 23.18
N ASP D 216 -25.07 28.04 23.48
CA ASP D 216 -25.72 26.72 23.50
C ASP D 216 -26.73 26.67 22.36
N LYS D 217 -26.53 25.77 21.41
CA LYS D 217 -27.46 25.62 20.29
C LYS D 217 -28.17 24.28 20.36
N LYS D 218 -29.50 24.34 20.39
CA LYS D 218 -30.34 23.16 20.24
C LYS D 218 -30.33 22.72 18.78
N VAL D 219 -30.10 21.43 18.55
CA VAL D 219 -30.15 20.85 17.22
C VAL D 219 -31.44 20.06 17.11
N GLU D 220 -32.36 20.52 16.26
CA GLU D 220 -33.70 20.01 15.93
C GLU D 220 -33.70 19.29 14.59
N PRO D 221 -34.46 18.20 14.43
CA PRO D 221 -34.51 17.42 13.18
C PRO D 221 -34.85 18.22 11.90
N ASN E 1 29.30 14.90 35.65
CA ASN E 1 28.24 14.66 36.61
C ASN E 1 26.96 15.35 36.14
N PRO E 2 25.82 14.94 36.68
CA PRO E 2 24.56 15.64 36.35
C PRO E 2 24.53 17.04 36.97
N ASP E 3 23.72 17.90 36.35
CA ASP E 3 23.48 19.23 36.91
C ASP E 3 22.27 19.11 37.83
N PRO E 4 22.47 19.13 39.15
CA PRO E 4 21.33 18.97 40.07
C PRO E 4 20.35 20.12 40.01
N ASN E 5 20.71 21.21 39.36
CA ASN E 5 19.81 22.33 39.15
C ASN E 5 19.26 22.37 37.73
N ALA E 6 19.33 21.24 37.02
CA ALA E 6 18.54 21.08 35.80
C ALA E 6 17.06 21.01 36.13
N ASN E 7 16.73 20.34 37.21
CA ASN E 7 15.35 20.28 37.72
C ASN E 7 15.44 20.08 39.23
N PRO E 8 15.31 21.15 40.01
CA PRO E 8 15.35 21.03 41.48
C PRO E 8 14.33 20.07 42.06
N ASN E 9 13.29 19.71 41.31
CA ASN E 9 12.30 18.74 41.77
C ASN E 9 12.86 17.33 41.87
N VAL E 10 14.02 17.05 41.30
CA VAL E 10 14.56 15.69 41.29
C VAL E 10 15.43 15.50 42.53
N ASP E 11 15.12 14.47 43.32
CA ASP E 11 15.99 14.05 44.40
C ASP E 11 16.78 12.83 43.93
N PRO E 12 18.09 12.96 43.68
CA PRO E 12 18.83 11.87 43.03
C PRO E 12 19.04 10.65 43.91
N ASN E 13 18.62 10.67 45.18
CA ASN E 13 18.78 9.54 46.07
C ASN E 13 17.42 8.93 46.44
N ASN F 1 -22.33 6.22 -13.58
CA ASN F 1 -21.13 6.99 -13.89
C ASN F 1 -19.89 6.13 -13.66
N PRO F 2 -18.81 6.40 -14.41
CA PRO F 2 -17.56 5.68 -14.14
C PRO F 2 -16.94 6.15 -12.82
N ASP F 3 -16.33 5.20 -12.12
CA ASP F 3 -15.55 5.50 -10.92
C ASP F 3 -14.19 6.00 -11.40
N PRO F 4 -13.89 7.28 -11.26
CA PRO F 4 -12.65 7.82 -11.83
C PRO F 4 -11.41 7.43 -11.03
N ASN F 5 -11.55 6.77 -9.89
CA ASN F 5 -10.41 6.17 -9.21
C ASN F 5 -10.33 4.66 -9.43
N ALA F 6 -11.06 4.13 -10.42
CA ALA F 6 -10.84 2.75 -10.83
C ALA F 6 -9.42 2.57 -11.36
N ASN F 7 -9.00 3.44 -12.26
CA ASN F 7 -7.61 3.55 -12.70
C ASN F 7 -7.29 5.03 -12.80
N PRO F 8 -6.58 5.60 -11.81
CA PRO F 8 -6.16 7.01 -11.86
C PRO F 8 -5.38 7.40 -13.10
N ASN F 9 -4.75 6.45 -13.79
CA ASN F 9 -3.97 6.77 -14.98
C ASN F 9 -4.82 7.19 -16.17
N VAL F 10 -6.13 6.98 -16.09
CA VAL F 10 -7.03 7.26 -17.20
C VAL F 10 -7.49 8.72 -17.10
N ASP F 11 -7.16 9.51 -18.12
CA ASP F 11 -7.75 10.84 -18.28
C ASP F 11 -8.97 10.70 -19.19
N PRO F 12 -10.19 10.81 -18.67
CA PRO F 12 -11.37 10.45 -19.50
C PRO F 12 -11.64 11.42 -20.64
N ASN F 13 -11.08 12.62 -20.63
CA ASN F 13 -11.36 13.60 -21.67
C ASN F 13 -10.40 13.51 -22.85
N ALA F 14 -9.27 12.80 -22.70
CA ALA F 14 -8.31 12.55 -23.77
C ALA F 14 -7.13 11.77 -23.19
#